data_3DBI
#
_entry.id   3DBI
#
_cell.length_a   82.468
_cell.length_b   82.468
_cell.length_c   341.448
_cell.angle_alpha   90.00
_cell.angle_beta   90.00
_cell.angle_gamma   90.00
#
_symmetry.space_group_name_H-M   'P 43 21 2'
#
loop_
_entity.id
_entity.type
_entity.pdbx_description
1 polymer 'SUGAR-BINDING TRANSCRIPTIONAL REGULATOR, LACI FAMILY'
2 non-polymer 'PHOSPHATE ION'
3 non-polymer GLYCEROL
4 water water
#
_entity_poly.entity_id   1
_entity_poly.type   'polypeptide(L)'
_entity_poly.pdbx_seq_one_letter_code
;(MSE)SLTT(MSE)LEVAKRAGVSKATVSRVLSGNGYVSQETKDRVFQAVEESGYRPNLLARNLSAKSTQTLGLVVTNTL
YHGIYFSELLFHAAR(MSE)AEEKGRQLLLADGKHSAEEERQAIQYLLDLRCDAI(MSE)IYPRFLSVDEIDDIIDAHSQ
PI(MSE)VLNRRLRKNSSHSVWCDHKQTSFNAVAELINAGHQEIAFLTGS(MSE)DSPTSIERLAGYKDALAQHGIALNE
KLIANGKWTPASGAEGVE(MSE)LLERGAKFSALVASNDD(MSE)AIGA(MSE)KALHERGVAVPEQVSVIGFDDIAIAP
YTVPALSSVKIPVTE(MSE)IQEIIGRLIF(MSE)LDGGDFSPPKTFSGKLIRRDSLIAPSR
;
_entity_poly.pdbx_strand_id   A,B,C
#
loop_
_chem_comp.id
_chem_comp.type
_chem_comp.name
_chem_comp.formula
GOL non-polymer GLYCEROL 'C3 H8 O3'
PO4 non-polymer 'PHOSPHATE ION' 'O4 P -3'
#
# COMPACT_ATOMS: atom_id res chain seq x y z
N SER A 60 -9.81 -35.91 28.47
CA SER A 60 -9.56 -34.90 27.42
C SER A 60 -10.56 -33.76 27.46
N THR A 61 -10.07 -32.58 27.11
CA THR A 61 -10.88 -31.37 27.07
C THR A 61 -11.07 -30.90 25.62
N GLN A 62 -10.45 -31.63 24.69
CA GLN A 62 -10.34 -31.25 23.27
C GLN A 62 -9.70 -29.87 23.11
N THR A 63 -8.47 -29.76 23.61
CA THR A 63 -7.77 -28.48 23.70
C THR A 63 -6.29 -28.67 23.40
N LEU A 64 -5.75 -27.75 22.61
CA LEU A 64 -4.35 -27.76 22.22
C LEU A 64 -3.68 -26.50 22.74
N GLY A 65 -2.45 -26.63 23.20
CA GLY A 65 -1.72 -25.50 23.77
C GLY A 65 -0.51 -25.12 22.96
N LEU A 66 -0.25 -23.81 22.88
CA LEU A 66 0.94 -23.32 22.23
C LEU A 66 1.54 -22.19 23.04
N VAL A 67 2.84 -22.31 23.31
CA VAL A 67 3.58 -21.27 24.03
C VAL A 67 4.16 -20.28 23.03
N VAL A 68 3.74 -19.01 23.15
CA VAL A 68 4.32 -17.93 22.37
C VAL A 68 5.68 -17.61 22.98
N THR A 69 6.74 -17.68 22.18
CA THR A 69 8.06 -17.36 22.71
C THR A 69 8.69 -16.20 21.95
N ASN A 70 9.82 -15.72 22.48
CA ASN A 70 10.57 -14.61 21.89
C ASN A 70 11.33 -15.01 20.62
N THR A 71 10.63 -15.70 19.72
CA THR A 71 11.24 -16.30 18.54
C THR A 71 10.50 -15.98 17.24
N LEU A 72 9.47 -15.14 17.31
CA LEU A 72 8.90 -14.58 16.07
C LEU A 72 9.97 -13.70 15.43
N TYR A 73 10.15 -13.81 14.11
CA TYR A 73 11.24 -13.16 13.32
C TYR A 73 12.61 -13.85 13.40
N HIS A 74 12.76 -14.82 14.31
CA HIS A 74 13.97 -15.65 14.33
C HIS A 74 13.79 -16.86 13.40
N GLY A 75 13.95 -16.60 12.11
CA GLY A 75 13.56 -17.57 11.09
C GLY A 75 12.05 -17.75 11.06
N ILE A 76 11.60 -18.78 10.38
CA ILE A 76 10.16 -18.95 10.20
C ILE A 76 9.59 -20.07 11.09
N TYR A 77 10.37 -20.51 12.08
CA TYR A 77 9.98 -21.67 12.90
C TYR A 77 8.64 -21.49 13.60
N PHE A 78 8.54 -20.43 14.41
CA PHE A 78 7.36 -20.19 15.23
C PHE A 78 6.11 -19.88 14.39
N SER A 79 6.25 -19.00 13.40
CA SER A 79 5.14 -18.63 12.54
CA SER A 79 5.15 -18.64 12.53
C SER A 79 4.55 -19.86 11.82
N GLU A 80 5.42 -20.70 11.26
CA GLU A 80 4.98 -21.93 10.59
C GLU A 80 4.30 -22.88 11.56
N LEU A 81 4.88 -22.98 12.77
CA LEU A 81 4.32 -23.82 13.82
C LEU A 81 2.92 -23.34 14.16
N LEU A 82 2.75 -22.04 14.31
CA LEU A 82 1.46 -21.45 14.64
C LEU A 82 0.42 -21.69 13.56
N PHE A 83 0.80 -21.49 12.30
CA PHE A 83 -0.06 -21.74 11.15
C PHE A 83 -0.60 -23.17 11.15
N HIS A 84 0.32 -24.13 11.16
CA HIS A 84 -0.04 -25.54 11.09
C HIS A 84 -0.77 -26.03 12.34
N ALA A 85 -0.41 -25.50 13.50
CA ALA A 85 -1.13 -25.85 14.74
C ALA A 85 -2.56 -25.33 14.72
N ALA A 86 -2.76 -24.14 14.16
CA ALA A 86 -4.09 -23.59 13.96
C ALA A 86 -4.93 -24.44 13.01
N ARG A 87 -4.30 -24.89 11.91
CA ARG A 87 -4.95 -25.71 10.91
C ARG A 87 -5.36 -27.08 11.46
N MSE A 88 -4.43 -27.72 12.18
CA MSE A 88 -4.68 -29.04 12.76
C MSE A 88 -5.80 -29.00 13.77
O MSE A 88 -6.70 -29.84 13.73
CB MSE A 88 -3.40 -29.60 13.38
CG MSE A 88 -3.55 -31.00 13.91
SE MSE A 88 -3.95 -31.05 15.80
CE MSE A 88 -2.09 -31.19 16.38
N ALA A 89 -5.74 -28.01 14.66
CA ALA A 89 -6.77 -27.81 15.69
C ALA A 89 -8.19 -27.68 15.11
N GLU A 90 -8.30 -26.95 14.00
CA GLU A 90 -9.58 -26.77 13.34
C GLU A 90 -10.04 -28.06 12.67
N GLU A 91 -9.12 -28.72 11.97
CA GLU A 91 -9.39 -30.00 11.28
C GLU A 91 -9.82 -31.12 12.24
N LYS A 92 -9.24 -31.12 13.43
CA LYS A 92 -9.51 -32.16 14.43
C LYS A 92 -10.56 -31.70 15.44
N GLY A 93 -11.07 -30.48 15.25
CA GLY A 93 -12.14 -29.94 16.08
C GLY A 93 -11.78 -29.58 17.52
N ARG A 94 -10.52 -29.20 17.75
CA ARG A 94 -10.09 -28.80 19.08
C ARG A 94 -9.74 -27.31 19.21
N GLN A 95 -9.85 -26.77 20.42
CA GLN A 95 -9.52 -25.37 20.68
C GLN A 95 -8.02 -25.17 20.78
N LEU A 96 -7.54 -24.06 20.21
CA LEU A 96 -6.12 -23.70 20.33
C LEU A 96 -5.90 -22.54 21.30
N LEU A 97 -5.20 -22.82 22.40
CA LEU A 97 -4.91 -21.86 23.47
C LEU A 97 -3.49 -21.34 23.39
N LEU A 98 -3.31 -20.03 23.49
CA LEU A 98 -1.98 -19.44 23.56
C LEU A 98 -1.58 -19.08 24.98
N ALA A 99 -0.30 -19.25 25.29
CA ALA A 99 0.25 -18.78 26.53
C ALA A 99 1.53 -18.03 26.23
N ASP A 100 1.73 -16.92 26.94
CA ASP A 100 2.86 -16.05 26.72
C ASP A 100 4.07 -16.55 27.53
N GLY A 101 5.08 -17.03 26.82
CA GLY A 101 6.30 -17.53 27.45
C GLY A 101 7.27 -16.43 27.86
N LYS A 102 6.94 -15.20 27.48
CA LYS A 102 7.66 -13.99 27.88
C LYS A 102 9.15 -14.09 27.59
N HIS A 103 9.96 -13.84 28.61
CA HIS A 103 11.36 -13.50 28.39
C HIS A 103 12.38 -14.20 29.28
N SER A 104 12.01 -15.30 29.93
CA SER A 104 12.97 -16.10 30.71
C SER A 104 12.61 -17.58 30.73
N ALA A 105 13.51 -18.39 31.27
CA ALA A 105 13.31 -19.83 31.40
C ALA A 105 12.19 -20.14 32.37
N GLU A 106 12.09 -19.34 33.42
CA GLU A 106 11.07 -19.50 34.44
C GLU A 106 9.70 -19.15 33.88
N GLU A 107 9.64 -18.05 33.12
CA GLU A 107 8.40 -17.60 32.48
C GLU A 107 7.92 -18.57 31.41
N GLU A 108 8.86 -19.22 30.71
CA GLU A 108 8.54 -20.25 29.72
C GLU A 108 8.01 -21.51 30.37
N ARG A 109 8.55 -21.84 31.55
CA ARG A 109 8.05 -22.94 32.37
C ARG A 109 6.65 -22.66 32.91
N GLN A 110 6.43 -21.41 33.33
CA GLN A 110 5.13 -20.97 33.85
C GLN A 110 4.04 -21.09 32.79
N ALA A 111 4.39 -20.73 31.55
CA ALA A 111 3.46 -20.81 30.43
C ALA A 111 3.05 -22.26 30.14
N ILE A 112 4.03 -23.17 30.18
CA ILE A 112 3.75 -24.61 30.06
C ILE A 112 2.84 -25.08 31.20
N GLN A 113 3.18 -24.68 32.42
CA GLN A 113 2.42 -25.03 33.61
C GLN A 113 0.97 -24.52 33.57
N TYR A 114 0.78 -23.29 33.08
CA TYR A 114 -0.54 -22.67 32.94
C TYR A 114 -1.43 -23.46 32.00
N LEU A 115 -0.85 -23.91 30.88
CA LEU A 115 -1.58 -24.72 29.91
C LEU A 115 -1.88 -26.14 30.45
N LEU A 116 -0.95 -26.68 31.22
CA LEU A 116 -1.16 -27.96 31.91
C LEU A 116 -2.26 -27.86 32.96
N ASP A 117 -2.29 -26.74 33.68
CA ASP A 117 -3.31 -26.48 34.72
C ASP A 117 -4.70 -26.31 34.14
N LEU A 118 -4.80 -25.71 32.95
CA LEU A 118 -6.06 -25.60 32.22
C LEU A 118 -6.43 -26.90 31.51
N ARG A 119 -5.50 -27.84 31.52
CA ARG A 119 -5.72 -29.15 30.97
C ARG A 119 -5.86 -29.20 29.47
N CYS A 120 -4.89 -28.63 28.79
CA CYS A 120 -4.70 -28.90 27.37
C CYS A 120 -4.26 -30.34 27.23
N ASP A 121 -4.79 -31.01 26.22
CA ASP A 121 -4.38 -32.36 25.87
C ASP A 121 -2.91 -32.42 25.45
N ALA A 122 -2.42 -31.34 24.87
CA ALA A 122 -1.05 -31.27 24.35
C ALA A 122 -0.53 -29.82 24.30
N ILE A 123 0.79 -29.68 24.34
CA ILE A 123 1.44 -28.37 24.34
C ILE A 123 2.61 -28.39 23.36
N MSE A 124 2.74 -27.34 22.55
CA MSE A 124 3.85 -27.23 21.62
C MSE A 124 4.65 -25.97 21.96
O MSE A 124 4.06 -24.94 22.30
CB MSE A 124 3.36 -27.16 20.18
CG MSE A 124 2.08 -27.94 19.92
SE MSE A 124 1.58 -27.85 18.08
CE MSE A 124 2.93 -29.11 17.43
N ILE A 125 5.97 -26.07 21.85
CA ILE A 125 6.86 -24.97 22.19
C ILE A 125 8.14 -25.00 21.35
N TYR A 126 8.59 -23.82 20.94
CA TYR A 126 9.95 -23.60 20.47
C TYR A 126 10.62 -22.72 21.53
N PRO A 127 11.34 -23.34 22.48
CA PRO A 127 11.91 -22.64 23.63
C PRO A 127 13.18 -21.85 23.34
N ARG A 128 13.16 -20.57 23.73
CA ARG A 128 14.32 -19.70 23.59
C ARG A 128 15.24 -19.80 24.82
N PHE A 129 14.64 -19.84 26.01
CA PHE A 129 15.42 -19.85 27.25
C PHE A 129 15.45 -21.22 27.94
N LEU A 130 14.29 -21.88 28.00
CA LEU A 130 14.13 -23.11 28.79
C LEU A 130 14.95 -24.29 28.27
N SER A 131 15.74 -24.85 29.17
CA SER A 131 16.67 -25.93 28.87
C SER A 131 15.97 -27.19 28.42
N VAL A 132 16.64 -27.92 27.55
CA VAL A 132 16.18 -29.20 27.06
C VAL A 132 16.04 -30.23 28.19
N ASP A 133 16.96 -30.20 29.16
CA ASP A 133 16.92 -31.12 30.30
C ASP A 133 15.73 -30.84 31.22
N GLU A 134 15.42 -29.57 31.40
CA GLU A 134 14.27 -29.17 32.23
C GLU A 134 12.97 -29.65 31.58
N ILE A 135 12.88 -29.54 30.25
CA ILE A 135 11.68 -29.96 29.52
C ILE A 135 11.47 -31.48 29.60
N ASP A 136 12.57 -32.22 29.53
CA ASP A 136 12.56 -33.67 29.75
C ASP A 136 11.90 -34.05 31.08
N ASP A 137 12.24 -33.32 32.15
CA ASP A 137 11.64 -33.50 33.47
C ASP A 137 10.14 -33.27 33.46
N ILE A 138 9.71 -32.17 32.83
CA ILE A 138 8.28 -31.81 32.74
C ILE A 138 7.49 -32.89 31.97
N ILE A 139 8.08 -33.40 30.89
CA ILE A 139 7.48 -34.49 30.11
C ILE A 139 7.31 -35.78 30.92
N ASP A 140 8.30 -36.08 31.76
CA ASP A 140 8.24 -37.25 32.66
C ASP A 140 7.10 -37.13 33.69
N ALA A 141 6.87 -35.92 34.20
CA ALA A 141 5.85 -35.67 35.22
C ALA A 141 4.41 -35.64 34.70
N HIS A 142 4.23 -35.57 33.38
CA HIS A 142 2.87 -35.35 32.82
C HIS A 142 2.52 -36.30 31.67
N SER A 143 1.27 -36.75 31.67
CA SER A 143 0.76 -37.62 30.60
C SER A 143 0.38 -36.88 29.30
N GLN A 144 0.21 -35.57 29.39
CA GLN A 144 0.00 -34.73 28.21
C GLN A 144 1.32 -34.48 27.47
N PRO A 145 1.36 -34.81 26.16
CA PRO A 145 2.56 -34.62 25.33
C PRO A 145 2.98 -33.15 25.21
N ILE A 146 4.22 -32.88 25.55
CA ILE A 146 4.81 -31.59 25.30
C ILE A 146 5.78 -31.76 24.13
N MSE A 147 5.46 -31.11 23.00
CA MSE A 147 6.26 -31.23 21.79
C MSE A 147 7.24 -30.08 21.69
O MSE A 147 6.90 -28.93 21.99
CB MSE A 147 5.36 -31.24 20.55
CG MSE A 147 4.19 -32.21 20.61
SE MSE A 147 4.61 -34.11 20.73
CE MSE A 147 5.85 -34.29 19.26
N VAL A 148 8.47 -30.39 21.27
CA VAL A 148 9.54 -29.39 21.23
C VAL A 148 10.06 -29.27 19.81
N LEU A 149 10.09 -28.05 19.29
CA LEU A 149 10.57 -27.78 17.96
C LEU A 149 11.98 -27.19 18.00
N ASN A 150 12.84 -27.66 17.09
CA ASN A 150 14.19 -27.08 16.84
C ASN A 150 15.17 -27.25 18.00
N ARG A 151 14.98 -28.30 18.79
CA ARG A 151 15.81 -28.62 19.94
C ARG A 151 15.87 -30.13 20.02
N ARG A 152 16.96 -30.69 20.53
CA ARG A 152 17.06 -32.14 20.68
C ARG A 152 16.96 -32.58 22.15
N LEU A 153 15.92 -33.34 22.47
CA LEU A 153 15.75 -33.86 23.83
C LEU A 153 16.58 -35.14 24.00
N ARG A 154 17.24 -35.31 25.14
CA ARG A 154 18.07 -36.48 25.31
C ARG A 154 17.29 -37.69 25.67
N LYS A 155 16.31 -37.58 26.53
CA LYS A 155 15.60 -38.80 26.86
C LYS A 155 14.36 -38.96 26.05
N ASN A 156 13.45 -38.02 26.14
CA ASN A 156 12.18 -38.22 25.42
C ASN A 156 12.25 -37.72 23.97
N SER A 157 13.13 -38.32 23.19
CA SER A 157 13.53 -37.76 21.89
C SER A 157 12.44 -37.81 20.81
N SER A 158 11.43 -38.62 21.03
CA SER A 158 10.28 -38.65 20.13
C SER A 158 9.35 -37.45 20.31
N HIS A 159 9.51 -36.73 21.42
CA HIS A 159 8.79 -35.50 21.66
C HIS A 159 9.43 -34.28 21.00
N SER A 160 10.65 -34.46 20.49
CA SER A 160 11.34 -33.36 19.83
C SER A 160 11.59 -33.59 18.34
N VAL A 161 11.40 -32.53 17.56
CA VAL A 161 11.77 -32.56 16.16
C VAL A 161 12.91 -31.58 15.95
N TRP A 162 14.06 -32.07 15.52
CA TRP A 162 15.23 -31.25 15.43
C TRP A 162 15.94 -31.39 14.11
N CYS A 163 16.83 -30.46 13.83
CA CYS A 163 17.66 -30.43 12.66
C CYS A 163 19.12 -30.49 13.13
N ASP A 164 19.94 -31.28 12.44
CA ASP A 164 21.35 -31.39 12.80
C ASP A 164 22.12 -30.18 12.28
N HIS A 165 22.06 -29.09 13.05
CA HIS A 165 22.69 -27.81 12.67
C HIS A 165 24.21 -27.88 12.63
N LYS A 166 24.79 -28.75 13.45
CA LYS A 166 26.23 -29.05 13.44
C LYS A 166 26.70 -29.71 12.12
N GLN A 167 26.01 -30.78 11.71
CA GLN A 167 26.35 -31.51 10.48
C GLN A 167 26.07 -30.66 9.24
N THR A 168 24.96 -29.91 9.29
CA THR A 168 24.58 -28.99 8.23
C THR A 168 25.68 -27.94 8.00
N SER A 169 26.20 -27.39 9.10
CA SER A 169 27.27 -26.40 9.01
C SER A 169 28.55 -27.02 8.47
N PHE A 170 28.88 -28.20 9.00
CA PHE A 170 30.00 -29.03 8.53
C PHE A 170 29.98 -29.18 7.00
N ASN A 171 28.89 -29.74 6.48
CA ASN A 171 28.72 -29.98 5.04
C ASN A 171 28.91 -28.76 4.17
N ALA A 172 28.34 -27.63 4.62
CA ALA A 172 28.44 -26.38 3.90
C ALA A 172 29.89 -25.88 3.88
N VAL A 173 30.58 -26.01 5.01
CA VAL A 173 31.98 -25.60 5.11
C VAL A 173 32.89 -26.58 4.35
N ALA A 174 32.48 -27.84 4.29
CA ALA A 174 33.17 -28.85 3.48
C ALA A 174 33.12 -28.56 1.99
N GLU A 175 31.99 -28.01 1.52
CA GLU A 175 31.85 -27.63 0.11
C GLU A 175 32.75 -26.47 -0.27
N LEU A 176 32.98 -25.56 0.69
CA LEU A 176 33.88 -24.43 0.50
C LEU A 176 35.34 -24.89 0.41
N ILE A 177 35.70 -25.86 1.26
CA ILE A 177 37.04 -26.45 1.24
C ILE A 177 37.27 -27.24 -0.05
N ASN A 178 36.29 -28.03 -0.46
CA ASN A 178 36.36 -28.80 -1.71
C ASN A 178 36.39 -27.95 -2.97
N ALA A 179 35.91 -26.71 -2.86
CA ALA A 179 36.04 -25.73 -3.94
C ALA A 179 37.39 -25.00 -3.89
N GLY A 180 38.20 -25.31 -2.87
CA GLY A 180 39.56 -24.78 -2.78
C GLY A 180 39.81 -23.66 -1.78
N HIS A 181 38.83 -23.35 -0.94
CA HIS A 181 39.00 -22.30 0.08
C HIS A 181 39.72 -22.88 1.30
N GLN A 182 40.84 -22.26 1.65
CA GLN A 182 41.67 -22.72 2.76
C GLN A 182 41.53 -21.80 3.97
N GLU A 183 41.41 -20.50 3.71
CA GLU A 183 41.21 -19.51 4.76
C GLU A 183 39.77 -19.02 4.74
N ILE A 184 38.98 -19.51 5.70
CA ILE A 184 37.54 -19.25 5.76
C ILE A 184 37.14 -18.54 7.06
N ALA A 185 36.57 -17.34 6.91
CA ALA A 185 36.08 -16.57 8.05
C ALA A 185 34.69 -17.05 8.50
N PHE A 186 34.36 -16.81 9.77
CA PHE A 186 33.07 -17.25 10.34
C PHE A 186 32.46 -16.15 11.21
N LEU A 187 31.20 -15.82 10.92
CA LEU A 187 30.43 -14.91 11.77
C LEU A 187 29.39 -15.70 12.57
N THR A 188 29.45 -15.58 13.90
CA THR A 188 28.58 -16.39 14.75
C THR A 188 27.26 -15.67 14.96
N GLY A 189 26.25 -16.43 15.37
CA GLY A 189 25.04 -15.82 15.94
C GLY A 189 25.33 -15.47 17.39
N SER A 190 24.27 -15.32 18.19
CA SER A 190 24.42 -15.02 19.61
C SER A 190 25.11 -16.14 20.37
N MSE A 191 25.96 -15.76 21.33
CA MSE A 191 26.77 -16.70 22.13
C MSE A 191 25.99 -17.81 22.84
O MSE A 191 26.44 -18.94 22.90
CB MSE A 191 27.59 -15.93 23.16
CG MSE A 191 28.55 -14.93 22.55
SE MSE A 191 29.60 -13.98 23.88
CE MSE A 191 30.44 -15.59 24.67
N ASP A 192 24.81 -17.46 23.36
CA ASP A 192 23.97 -18.41 24.10
C ASP A 192 22.95 -19.16 23.24
N SER A 193 22.98 -18.96 21.93
CA SER A 193 22.08 -19.67 21.02
C SER A 193 22.59 -21.08 20.74
N PRO A 194 21.74 -22.10 20.99
CA PRO A 194 22.07 -23.49 20.66
C PRO A 194 22.44 -23.68 19.17
N THR A 195 21.70 -23.05 18.27
CA THR A 195 21.93 -23.17 16.84
C THR A 195 23.28 -22.54 16.47
N SER A 196 23.57 -21.40 17.08
CA SER A 196 24.82 -20.67 16.84
C SER A 196 26.05 -21.40 17.37
N ILE A 197 25.86 -22.10 18.49
CA ILE A 197 26.88 -22.98 19.07
C ILE A 197 27.16 -24.14 18.11
N GLU A 198 26.10 -24.75 17.64
CA GLU A 198 26.17 -25.87 16.78
C GLU A 198 26.84 -25.55 15.46
N ARG A 199 26.55 -24.39 14.90
CA ARG A 199 27.06 -23.99 13.59
C ARG A 199 28.56 -23.67 13.63
N LEU A 200 29.00 -23.02 14.70
CA LEU A 200 30.43 -22.78 14.93
C LEU A 200 31.21 -24.08 15.15
N ALA A 201 30.56 -25.03 15.83
CA ALA A 201 31.16 -26.35 16.07
C ALA A 201 31.40 -27.09 14.75
N GLY A 202 30.38 -27.12 13.89
CA GLY A 202 30.50 -27.72 12.56
C GLY A 202 31.57 -27.10 11.69
N TYR A 203 31.76 -25.79 11.82
CA TYR A 203 32.82 -25.07 11.12
C TYR A 203 34.20 -25.54 11.57
N LYS A 204 34.40 -25.61 12.88
CA LYS A 204 35.63 -26.11 13.46
C LYS A 204 35.92 -27.57 13.10
N ASP A 205 34.87 -28.38 13.12
CA ASP A 205 34.95 -29.80 12.79
C ASP A 205 35.39 -30.01 11.34
N ALA A 206 34.88 -29.14 10.46
CA ALA A 206 35.22 -29.21 9.04
C ALA A 206 36.66 -28.82 8.78
N LEU A 207 37.15 -27.80 9.49
CA LEU A 207 38.53 -27.36 9.35
C LEU A 207 39.51 -28.43 9.83
N ALA A 208 39.17 -29.05 10.96
CA ALA A 208 39.98 -30.11 11.56
C ALA A 208 40.08 -31.35 10.69
N GLN A 209 38.98 -31.74 10.07
CA GLN A 209 38.93 -32.97 9.27
C GLN A 209 39.53 -32.81 7.88
N HIS A 210 39.72 -31.57 7.45
CA HIS A 210 40.32 -31.27 6.16
C HIS A 210 41.73 -30.72 6.32
N GLY A 211 42.29 -30.95 7.51
CA GLY A 211 43.69 -30.64 7.80
C GLY A 211 44.04 -29.17 7.91
N ILE A 212 43.04 -28.32 8.12
CA ILE A 212 43.29 -26.88 8.27
C ILE A 212 43.38 -26.52 9.77
N ALA A 213 44.37 -25.71 10.11
CA ALA A 213 44.55 -25.26 11.48
C ALA A 213 43.54 -24.18 11.83
N LEU A 214 42.99 -24.29 13.04
CA LEU A 214 41.99 -23.36 13.54
C LEU A 214 42.65 -22.00 13.81
N ASN A 215 42.30 -21.03 12.97
CA ASN A 215 42.76 -19.67 13.17
C ASN A 215 41.63 -18.91 13.84
N GLU A 216 41.83 -18.59 15.13
CA GLU A 216 40.78 -17.96 15.95
C GLU A 216 40.55 -16.49 15.60
N LYS A 217 41.48 -15.91 14.85
CA LYS A 217 41.36 -14.56 14.33
C LYS A 217 40.27 -14.44 13.26
N LEU A 218 39.94 -15.56 12.60
CA LEU A 218 38.94 -15.60 11.54
C LEU A 218 37.49 -15.73 12.05
N ILE A 219 37.32 -15.83 13.36
CA ILE A 219 36.00 -15.99 13.97
C ILE A 219 35.57 -14.70 14.64
N ALA A 220 34.44 -14.14 14.21
CA ALA A 220 33.88 -12.94 14.84
C ALA A 220 32.45 -13.12 15.35
N ASN A 221 32.17 -12.45 16.47
CA ASN A 221 30.88 -12.50 17.15
C ASN A 221 29.82 -11.74 16.39
N GLY A 222 28.60 -12.27 16.39
CA GLY A 222 27.46 -11.56 15.82
C GLY A 222 26.22 -11.73 16.65
N LYS A 223 25.14 -11.10 16.18
CA LYS A 223 23.88 -11.00 16.92
C LYS A 223 22.66 -11.31 16.05
N TRP A 224 22.86 -12.11 14.99
CA TRP A 224 21.82 -12.47 13.99
C TRP A 224 21.27 -11.32 13.13
N THR A 225 21.67 -10.08 13.41
CA THR A 225 21.15 -8.90 12.71
C THR A 225 22.10 -8.53 11.57
N PRO A 226 21.57 -7.83 10.55
CA PRO A 226 22.41 -7.27 9.49
C PRO A 226 23.53 -6.33 9.97
N ALA A 227 23.25 -5.52 10.99
CA ALA A 227 24.27 -4.63 11.58
C ALA A 227 25.46 -5.43 12.08
N SER A 228 25.17 -6.50 12.81
CA SER A 228 26.21 -7.31 13.44
C SER A 228 27.07 -8.07 12.43
N GLY A 229 26.51 -8.29 11.24
CA GLY A 229 27.25 -8.92 10.16
C GLY A 229 28.24 -7.95 9.56
N ALA A 230 27.82 -6.70 9.42
CA ALA A 230 28.70 -5.61 8.98
C ALA A 230 29.83 -5.33 9.97
N GLU A 231 29.50 -5.29 11.26
CA GLU A 231 30.47 -5.15 12.35
C GLU A 231 31.46 -6.31 12.37
N GLY A 232 30.95 -7.50 12.05
CA GLY A 232 31.79 -8.70 11.99
C GLY A 232 32.91 -8.58 10.98
N VAL A 233 32.56 -8.10 9.78
CA VAL A 233 33.52 -7.87 8.70
C VAL A 233 34.50 -6.77 9.09
N GLU A 234 33.96 -5.72 9.71
CA GLU A 234 34.74 -4.60 10.21
C GLU A 234 35.83 -5.03 11.18
N MSE A 235 35.46 -5.90 12.13
CA MSE A 235 36.41 -6.40 13.10
C MSE A 235 37.44 -7.33 12.47
O MSE A 235 38.61 -7.26 12.83
CB MSE A 235 35.70 -7.06 14.28
CG MSE A 235 34.94 -6.06 15.14
SE MSE A 235 34.05 -6.90 16.65
CE MSE A 235 32.85 -8.13 15.70
N LEU A 236 37.00 -8.15 11.51
CA LEU A 236 37.90 -9.07 10.80
C LEU A 236 38.95 -8.33 9.98
N LEU A 237 38.55 -7.23 9.36
CA LEU A 237 39.46 -6.45 8.54
C LEU A 237 40.44 -5.62 9.36
N GLU A 238 40.02 -5.21 10.55
CA GLU A 238 40.89 -4.40 11.41
C GLU A 238 42.02 -5.22 12.02
N ARG A 239 41.72 -6.44 12.46
CA ARG A 239 42.74 -7.32 13.01
C ARG A 239 43.55 -8.04 11.91
N GLY A 240 43.35 -7.61 10.67
CA GLY A 240 44.17 -8.03 9.52
C GLY A 240 44.02 -9.48 9.09
N ALA A 241 42.86 -10.07 9.38
CA ALA A 241 42.58 -11.44 8.99
C ALA A 241 42.47 -11.57 7.48
N LYS A 242 43.01 -12.66 6.95
CA LYS A 242 42.97 -12.91 5.51
C LYS A 242 42.10 -14.11 5.21
N PHE A 243 41.18 -13.94 4.27
CA PHE A 243 40.20 -14.98 3.95
C PHE A 243 39.67 -14.82 2.53
N SER A 244 39.36 -15.94 1.90
CA SER A 244 38.78 -15.94 0.55
C SER A 244 37.30 -16.32 0.63
N ALA A 245 36.87 -16.70 1.83
CA ALA A 245 35.49 -17.08 2.05
C ALA A 245 35.02 -16.65 3.43
N LEU A 246 33.72 -16.39 3.54
CA LEU A 246 33.10 -16.01 4.80
C LEU A 246 31.78 -16.75 4.95
N VAL A 247 31.57 -17.33 6.12
CA VAL A 247 30.33 -17.99 6.47
C VAL A 247 29.63 -17.16 7.53
N ALA A 248 28.49 -16.57 7.17
CA ALA A 248 27.66 -15.91 8.16
C ALA A 248 26.63 -16.91 8.65
N SER A 249 26.27 -16.84 9.93
CA SER A 249 25.40 -17.86 10.52
C SER A 249 23.95 -17.69 10.16
N ASN A 250 23.59 -16.51 9.62
CA ASN A 250 22.33 -16.37 8.87
C ASN A 250 22.44 -15.43 7.65
N ASP A 251 21.39 -15.41 6.84
CA ASP A 251 21.34 -14.57 5.64
C ASP A 251 21.39 -13.07 5.93
N ASP A 252 20.67 -12.64 6.97
CA ASP A 252 20.70 -11.24 7.41
C ASP A 252 22.11 -10.75 7.69
N MSE A 253 22.89 -11.57 8.41
CA MSE A 253 24.27 -11.24 8.70
C MSE A 253 25.12 -11.24 7.44
O MSE A 253 25.99 -10.38 7.28
CB MSE A 253 24.86 -12.21 9.74
CG MSE A 253 24.37 -11.94 11.13
SE MSE A 253 25.43 -12.86 12.43
CE MSE A 253 24.68 -14.59 12.29
N ALA A 254 24.83 -12.19 6.54
CA ALA A 254 25.53 -12.29 5.26
C ALA A 254 25.36 -11.05 4.39
N ILE A 255 24.15 -10.49 4.38
CA ILE A 255 23.85 -9.33 3.57
C ILE A 255 24.58 -8.14 4.17
N GLY A 256 24.54 -8.05 5.51
CA GLY A 256 25.30 -7.02 6.22
C GLY A 256 26.78 -7.13 5.96
N ALA A 257 27.31 -8.35 6.05
CA ALA A 257 28.70 -8.63 5.71
C ALA A 257 29.04 -8.17 4.30
N MSE A 258 28.21 -8.54 3.32
CA MSE A 258 28.43 -8.14 1.93
C MSE A 258 28.43 -6.63 1.71
O MSE A 258 29.16 -6.12 0.86
CB MSE A 258 27.44 -8.81 0.97
CG MSE A 258 27.73 -10.28 0.71
SE MSE A 258 26.57 -11.12 -0.63
CE MSE A 258 24.83 -10.67 0.11
N LYS A 259 27.60 -5.92 2.47
CA LYS A 259 27.54 -4.46 2.43
C LYS A 259 28.85 -3.82 2.93
N ALA A 260 29.38 -4.35 4.03
CA ALA A 260 30.60 -3.83 4.63
C ALA A 260 31.81 -4.16 3.75
N LEU A 261 31.80 -5.36 3.17
CA LEU A 261 32.84 -5.77 2.21
C LEU A 261 32.87 -4.87 0.97
N HIS A 262 31.68 -4.54 0.44
CA HIS A 262 31.56 -3.63 -0.70
C HIS A 262 32.02 -2.21 -0.38
N GLU A 263 31.70 -1.73 0.81
CA GLU A 263 32.08 -0.38 1.25
C GLU A 263 33.57 -0.25 1.57
N ARG A 264 34.25 -1.38 1.74
CA ARG A 264 35.69 -1.41 1.99
C ARG A 264 36.47 -1.78 0.73
N GLY A 265 35.76 -1.88 -0.40
CA GLY A 265 36.40 -2.15 -1.68
C GLY A 265 36.78 -3.61 -1.91
N VAL A 266 36.26 -4.51 -1.09
CA VAL A 266 36.52 -5.93 -1.23
C VAL A 266 35.45 -6.57 -2.13
N ALA A 267 35.90 -7.22 -3.20
CA ALA A 267 34.98 -7.75 -4.21
C ALA A 267 34.38 -9.09 -3.81
N VAL A 268 33.06 -9.17 -3.92
CA VAL A 268 32.34 -10.42 -3.70
C VAL A 268 31.73 -10.83 -5.04
N PRO A 269 32.01 -12.06 -5.51
CA PRO A 269 32.77 -13.15 -4.91
C PRO A 269 34.27 -13.26 -5.26
N GLU A 270 34.80 -12.33 -6.05
CA GLU A 270 36.16 -12.43 -6.61
C GLU A 270 37.27 -12.52 -5.55
N GLN A 271 37.18 -11.66 -4.54
CA GLN A 271 38.12 -11.71 -3.42
C GLN A 271 37.56 -12.59 -2.31
N VAL A 272 36.31 -12.32 -1.90
CA VAL A 272 35.68 -13.07 -0.81
C VAL A 272 34.35 -13.70 -1.24
N SER A 273 34.29 -15.03 -1.16
CA SER A 273 33.03 -15.77 -1.31
C SER A 273 32.22 -15.69 -0.02
N VAL A 274 30.91 -15.56 -0.14
CA VAL A 274 30.01 -15.44 1.02
C VAL A 274 28.88 -16.47 0.96
N ILE A 275 28.68 -17.20 2.06
CA ILE A 275 27.46 -18.00 2.25
C ILE A 275 26.72 -17.64 3.55
N GLY A 276 25.43 -17.95 3.58
CA GLY A 276 24.62 -17.76 4.78
C GLY A 276 23.79 -18.99 5.10
N PHE A 277 22.85 -18.83 6.03
CA PHE A 277 21.87 -19.86 6.39
C PHE A 277 20.50 -19.21 6.39
N ASP A 278 19.46 -20.00 6.07
CA ASP A 278 18.02 -19.63 6.06
C ASP A 278 17.36 -19.73 4.69
N ASP A 279 18.11 -19.38 3.64
CA ASP A 279 17.59 -19.31 2.27
C ASP A 279 16.34 -18.42 2.17
N ILE A 280 16.47 -17.17 2.63
CA ILE A 280 15.35 -16.24 2.60
C ILE A 280 14.99 -15.86 1.17
N ALA A 281 13.76 -15.40 0.97
CA ALA A 281 13.22 -15.10 -0.37
C ALA A 281 13.99 -14.01 -1.11
N ILE A 282 14.68 -13.17 -0.34
CA ILE A 282 15.48 -12.08 -0.86
C ILE A 282 16.80 -12.56 -1.48
N ALA A 283 17.27 -13.73 -1.06
CA ALA A 283 18.62 -14.20 -1.40
C ALA A 283 19.05 -14.20 -2.88
N PRO A 284 18.18 -14.69 -3.80
CA PRO A 284 18.61 -14.65 -5.21
C PRO A 284 18.63 -13.26 -5.83
N TYR A 285 18.15 -12.26 -5.09
CA TYR A 285 18.01 -10.91 -5.61
C TYR A 285 19.02 -9.93 -5.05
N THR A 286 19.98 -10.42 -4.27
CA THR A 286 21.08 -9.60 -3.80
C THR A 286 22.14 -9.53 -4.89
N VAL A 287 23.07 -8.59 -4.78
CA VAL A 287 24.17 -8.43 -5.74
C VAL A 287 25.50 -8.69 -5.04
N PRO A 288 26.14 -9.86 -5.26
CA PRO A 288 25.65 -10.98 -6.06
C PRO A 288 24.65 -11.86 -5.30
N ALA A 289 24.00 -12.76 -6.02
CA ALA A 289 22.95 -13.61 -5.48
C ALA A 289 23.50 -14.47 -4.34
N LEU A 290 22.86 -14.39 -3.18
CA LEU A 290 23.39 -14.99 -1.97
C LEU A 290 23.24 -16.52 -1.91
N SER A 291 24.37 -17.21 -1.86
CA SER A 291 24.38 -18.65 -1.59
C SER A 291 23.99 -18.84 -0.14
N SER A 292 23.10 -19.79 0.11
CA SER A 292 22.59 -19.98 1.46
C SER A 292 22.21 -21.42 1.71
N VAL A 293 22.24 -21.80 2.99
CA VAL A 293 21.81 -23.12 3.41
C VAL A 293 20.29 -23.13 3.66
N LYS A 294 19.57 -24.01 2.97
CA LYS A 294 18.14 -24.14 3.16
C LYS A 294 17.87 -25.16 4.27
N ILE A 295 17.14 -24.72 5.28
CA ILE A 295 16.67 -25.59 6.35
C ILE A 295 15.25 -26.06 6.02
N PRO A 296 14.98 -27.37 6.12
CA PRO A 296 13.63 -27.86 5.79
C PRO A 296 12.62 -27.63 6.92
N VAL A 297 12.24 -26.37 7.13
CA VAL A 297 11.40 -25.97 8.25
C VAL A 297 9.99 -26.55 8.12
N THR A 298 9.47 -26.54 6.92
CA THR A 298 8.13 -26.97 6.64
C THR A 298 7.90 -28.47 6.83
N GLU A 299 8.88 -29.25 6.49
CA GLU A 299 8.95 -30.70 6.77
C GLU A 299 9.05 -31.00 8.26
N MSE A 300 9.84 -30.20 8.99
CA MSE A 300 9.96 -30.31 10.44
C MSE A 300 8.63 -30.04 11.14
O MSE A 300 8.28 -30.75 12.08
CB MSE A 300 11.05 -29.38 10.98
CG MSE A 300 12.48 -29.75 10.58
SE MSE A 300 13.74 -28.34 10.93
CE MSE A 300 13.65 -28.38 12.86
N ILE A 301 7.91 -29.03 10.66
CA ILE A 301 6.59 -28.69 11.21
C ILE A 301 5.56 -29.79 10.94
N GLN A 302 5.57 -30.35 9.74
CA GLN A 302 4.67 -31.45 9.39
C GLN A 302 4.96 -32.70 10.21
N GLU A 303 6.25 -32.96 10.42
CA GLU A 303 6.73 -34.02 11.30
C GLU A 303 6.24 -33.85 12.73
N ILE A 304 6.37 -32.65 13.29
CA ILE A 304 5.94 -32.42 14.68
C ILE A 304 4.42 -32.51 14.84
N ILE A 305 3.67 -32.09 13.82
CA ILE A 305 2.20 -32.17 13.82
C ILE A 305 1.72 -33.62 13.67
N GLY A 306 2.33 -34.34 12.73
CA GLY A 306 2.08 -35.76 12.54
C GLY A 306 2.30 -36.61 13.79
N ARG A 307 3.41 -36.36 14.47
CA ARG A 307 3.72 -37.07 15.73
C ARG A 307 2.67 -36.80 16.78
N LEU A 308 2.24 -35.55 16.87
CA LEU A 308 1.27 -35.14 17.87
C LEU A 308 -0.11 -35.74 17.59
N ILE A 309 -0.47 -35.84 16.32
CA ILE A 309 -1.70 -36.51 15.93
C ILE A 309 -1.69 -37.98 16.38
N PHE A 310 -0.59 -38.69 16.12
CA PHE A 310 -0.43 -40.06 16.59
C PHE A 310 -0.49 -40.18 18.10
N MSE A 311 0.14 -39.25 18.82
CA MSE A 311 0.19 -39.33 20.28
C MSE A 311 -1.17 -39.09 20.94
O MSE A 311 -1.44 -39.62 22.02
CB MSE A 311 1.25 -38.40 20.85
CG MSE A 311 2.67 -38.86 20.59
SE MSE A 311 3.90 -37.75 21.53
CE MSE A 311 5.56 -38.35 20.74
N LEU A 312 -2.02 -38.31 20.28
CA LEU A 312 -3.33 -37.99 20.83
C LEU A 312 -4.48 -38.86 20.32
N ASP A 313 -4.54 -39.04 19.00
CA ASP A 313 -5.68 -39.67 18.32
C ASP A 313 -5.38 -41.07 17.82
N GLY A 314 -4.09 -41.38 17.69
CA GLY A 314 -3.66 -42.68 17.24
C GLY A 314 -3.52 -42.80 15.74
N GLY A 315 -3.50 -44.04 15.26
CA GLY A 315 -3.45 -44.31 13.84
C GLY A 315 -2.11 -44.77 13.33
N ASP A 316 -1.91 -44.70 12.04
CA ASP A 316 -0.62 -45.06 11.47
C ASP A 316 0.30 -43.87 11.49
N PHE A 317 1.55 -44.12 11.80
CA PHE A 317 2.59 -43.08 11.76
C PHE A 317 3.71 -43.36 10.77
N SER A 318 4.35 -42.29 10.31
CA SER A 318 5.64 -42.38 9.65
C SER A 318 6.68 -42.61 10.73
N PRO A 319 7.68 -43.47 10.45
CA PRO A 319 8.86 -43.54 11.33
C PRO A 319 9.50 -42.16 11.46
N PRO A 320 9.78 -41.72 12.71
CA PRO A 320 10.37 -40.42 13.03
C PRO A 320 11.58 -40.06 12.20
N LYS A 321 11.54 -38.92 11.53
CA LYS A 321 12.64 -38.47 10.74
C LYS A 321 13.56 -37.59 11.51
N THR A 322 14.76 -37.46 11.00
CA THR A 322 15.64 -36.43 11.49
C THR A 322 16.01 -35.58 10.31
N PHE A 323 16.49 -34.39 10.54
CA PHE A 323 16.55 -33.41 9.47
C PHE A 323 17.89 -32.73 9.41
N SER A 324 18.25 -32.27 8.22
CA SER A 324 19.46 -31.48 7.97
C SER A 324 19.25 -30.62 6.73
N GLY A 325 20.09 -29.59 6.61
CA GLY A 325 19.95 -28.64 5.53
C GLY A 325 20.96 -28.89 4.43
N LYS A 326 20.81 -28.20 3.31
CA LYS A 326 21.84 -28.23 2.29
C LYS A 326 22.11 -26.86 1.68
N LEU A 327 23.36 -26.66 1.31
CA LEU A 327 23.79 -25.43 0.71
C LEU A 327 23.29 -25.33 -0.73
N ILE A 328 22.62 -24.21 -1.02
CA ILE A 328 22.25 -23.87 -2.38
C ILE A 328 23.33 -22.92 -2.92
N ARG A 329 24.08 -23.40 -3.89
N ARG A 329 24.06 -23.39 -3.91
CA ARG A 329 25.12 -22.61 -4.50
CA ARG A 329 25.18 -22.65 -4.48
C ARG A 329 24.56 -21.57 -5.41
C ARG A 329 24.69 -21.61 -5.49
N ARG A 330 25.00 -20.35 -5.21
CA ARG A 330 24.59 -19.24 -6.06
C ARG A 330 25.83 -18.41 -6.41
N ASP A 331 25.63 -17.24 -7.02
CA ASP A 331 26.74 -16.42 -7.55
C ASP A 331 27.76 -15.94 -6.52
N SER A 332 27.34 -15.84 -5.25
CA SER A 332 28.23 -15.37 -4.18
C SER A 332 29.37 -16.35 -3.83
N LEU A 333 29.29 -17.57 -4.34
CA LEU A 333 30.31 -18.58 -4.09
C LEU A 333 30.99 -19.07 -5.38
N ILE A 334 32.32 -18.94 -5.43
CA ILE A 334 33.14 -19.51 -6.50
C ILE A 334 34.37 -20.25 -5.95
N ALA A 335 35.24 -20.70 -6.85
CA ALA A 335 36.54 -21.27 -6.49
C ALA A 335 37.63 -20.20 -6.62
N PRO A 336 38.54 -20.07 -5.61
CA PRO A 336 39.60 -19.03 -5.61
C PRO A 336 40.72 -19.34 -6.64
N SER A 337 41.61 -18.40 -6.99
CA SER A 337 41.71 -17.04 -6.47
C SER A 337 40.84 -16.07 -7.26
N LYS B 59 -3.35 36.30 -49.55
CA LYS B 59 -4.47 37.01 -48.87
C LYS B 59 -4.48 36.81 -47.36
N SER B 60 -3.63 35.90 -46.86
CA SER B 60 -3.36 35.74 -45.42
C SER B 60 -2.45 36.85 -44.90
N THR B 61 -2.66 37.22 -43.64
CA THR B 61 -1.88 38.25 -42.98
C THR B 61 -0.93 37.65 -41.95
N GLN B 62 -1.02 36.33 -41.76
CA GLN B 62 -0.31 35.58 -40.71
C GLN B 62 -0.64 36.13 -39.32
N THR B 63 -1.94 36.15 -39.01
CA THR B 63 -2.45 36.80 -37.82
C THR B 63 -3.54 35.94 -37.20
N LEU B 64 -3.52 35.84 -35.88
CA LEU B 64 -4.49 35.06 -35.13
C LEU B 64 -5.21 35.96 -34.14
N GLY B 65 -6.52 35.76 -34.01
CA GLY B 65 -7.33 36.62 -33.16
C GLY B 65 -7.91 35.93 -31.95
N LEU B 66 -7.96 36.67 -30.84
CA LEU B 66 -8.58 36.18 -29.63
C LEU B 66 -9.44 37.26 -28.97
N VAL B 67 -10.69 36.90 -28.68
CA VAL B 67 -11.61 37.81 -28.03
C VAL B 67 -11.52 37.54 -26.55
N VAL B 68 -11.21 38.58 -25.78
CA VAL B 68 -11.16 38.52 -24.33
C VAL B 68 -12.57 38.76 -23.84
N THR B 69 -13.10 37.82 -23.09
CA THR B 69 -14.47 37.89 -22.63
C THR B 69 -14.53 37.93 -21.13
N ASN B 70 -15.72 38.21 -20.60
CA ASN B 70 -15.98 38.23 -19.18
C ASN B 70 -16.02 36.82 -18.54
N THR B 71 -15.00 36.02 -18.82
CA THR B 71 -14.94 34.62 -18.41
C THR B 71 -13.57 34.32 -17.78
N LEU B 72 -12.91 35.38 -17.35
CA LEU B 72 -11.57 35.31 -16.77
C LEU B 72 -11.39 34.51 -15.49
N TYR B 73 -12.40 34.30 -14.66
CA TYR B 73 -12.17 33.52 -13.45
C TYR B 73 -13.23 32.45 -13.34
N HIS B 74 -13.91 32.26 -14.47
CA HIS B 74 -14.98 31.28 -14.61
C HIS B 74 -14.39 29.97 -15.12
N GLY B 75 -13.80 29.22 -14.19
CA GLY B 75 -13.02 28.04 -14.53
C GLY B 75 -11.72 28.42 -15.21
N ILE B 76 -11.05 27.45 -15.80
CA ILE B 76 -9.76 27.72 -16.42
C ILE B 76 -9.80 27.77 -17.94
N TYR B 77 -11.01 27.82 -18.52
CA TYR B 77 -11.18 27.79 -19.98
C TYR B 77 -10.43 28.90 -20.69
N PHE B 78 -10.70 30.14 -20.32
CA PHE B 78 -10.12 31.27 -21.03
C PHE B 78 -8.61 31.34 -20.89
N SER B 79 -8.11 31.17 -19.67
CA SER B 79 -6.67 31.30 -19.44
C SER B 79 -5.87 30.19 -20.12
N GLU B 80 -6.44 28.98 -20.15
CA GLU B 80 -5.81 27.87 -20.88
C GLU B 80 -5.87 28.08 -22.39
N LEU B 81 -6.99 28.65 -22.88
CA LEU B 81 -7.14 28.99 -24.29
C LEU B 81 -6.10 30.01 -24.69
N LEU B 82 -5.94 31.03 -23.86
CA LEU B 82 -4.96 32.09 -24.07
C LEU B 82 -3.54 31.54 -24.13
N PHE B 83 -3.19 30.70 -23.15
CA PHE B 83 -1.88 30.08 -23.07
C PHE B 83 -1.56 29.32 -24.35
N HIS B 84 -2.42 28.37 -24.70
CA HIS B 84 -2.21 27.55 -25.89
C HIS B 84 -2.25 28.33 -27.21
N ALA B 85 -3.14 29.32 -27.31
CA ALA B 85 -3.22 30.16 -28.50
C ALA B 85 -1.95 30.99 -28.68
N ALA B 86 -1.36 31.45 -27.57
CA ALA B 86 -0.09 32.18 -27.62
C ALA B 86 1.03 31.24 -28.08
N ARG B 87 1.03 30.02 -27.56
CA ARG B 87 2.06 29.03 -27.87
C ARG B 87 2.04 28.60 -29.33
N MSE B 88 0.83 28.35 -29.85
CA MSE B 88 0.64 27.95 -31.23
C MSE B 88 1.01 29.07 -32.21
O MSE B 88 1.61 28.80 -33.26
CB MSE B 88 -0.79 27.45 -31.46
CG MSE B 88 -1.08 26.89 -32.85
SE MSE B 88 -1.78 28.23 -34.07
CE MSE B 88 -3.66 28.12 -33.56
N ALA B 89 0.65 30.30 -31.87
CA ALA B 89 0.96 31.47 -32.70
C ALA B 89 2.47 31.66 -32.88
N GLU B 90 3.21 31.47 -31.79
CA GLU B 90 4.66 31.64 -31.80
C GLU B 90 5.33 30.50 -32.57
N GLU B 91 4.81 29.30 -32.40
CA GLU B 91 5.32 28.11 -33.09
C GLU B 91 5.09 28.17 -34.61
N LYS B 92 3.97 28.75 -35.02
CA LYS B 92 3.61 28.85 -36.44
C LYS B 92 4.01 30.20 -37.04
N GLY B 93 4.61 31.07 -36.25
CA GLY B 93 5.12 32.33 -36.73
C GLY B 93 4.06 33.37 -37.05
N ARG B 94 2.92 33.29 -36.38
CA ARG B 94 1.88 34.31 -36.56
C ARG B 94 1.67 35.22 -35.35
N GLN B 95 1.22 36.44 -35.61
CA GLN B 95 0.92 37.43 -34.59
C GLN B 95 -0.39 37.09 -33.89
N LEU B 96 -0.42 37.20 -32.55
CA LEU B 96 -1.66 37.04 -31.81
C LEU B 96 -2.25 38.38 -31.37
N LEU B 97 -3.43 38.69 -31.88
CA LEU B 97 -4.15 39.92 -31.61
C LEU B 97 -5.25 39.69 -30.59
N LEU B 98 -5.41 40.63 -29.64
CA LEU B 98 -6.52 40.59 -28.69
C LEU B 98 -7.54 41.67 -28.98
N ALA B 99 -8.81 41.34 -28.75
CA ALA B 99 -9.89 42.30 -28.81
C ALA B 99 -10.70 42.18 -27.55
N ASP B 100 -11.23 43.30 -27.08
CA ASP B 100 -11.97 43.33 -25.84
C ASP B 100 -13.45 43.13 -26.14
N GLY B 101 -13.99 42.01 -25.65
CA GLY B 101 -15.39 41.64 -25.87
C GLY B 101 -16.34 42.35 -24.93
N LYS B 102 -15.78 42.97 -23.89
CA LYS B 102 -16.52 43.78 -22.90
C LYS B 102 -17.68 43.04 -22.21
N HIS B 103 -18.88 43.63 -22.22
CA HIS B 103 -19.96 43.18 -21.34
C HIS B 103 -21.36 42.97 -21.95
N SER B 104 -21.43 42.70 -23.25
CA SER B 104 -22.72 42.43 -23.92
C SER B 104 -22.53 41.60 -25.18
N ALA B 105 -23.64 41.12 -25.74
CA ALA B 105 -23.62 40.33 -26.97
C ALA B 105 -23.12 41.17 -28.13
N GLU B 106 -23.45 42.44 -28.15
CA GLU B 106 -23.14 43.27 -29.29
C GLU B 106 -21.70 43.67 -29.23
N GLU B 107 -21.24 43.94 -28.02
CA GLU B 107 -19.83 44.25 -27.84
C GLU B 107 -18.93 43.07 -28.18
N GLU B 108 -19.39 41.86 -27.87
CA GLU B 108 -18.68 40.64 -28.28
C GLU B 108 -18.69 40.49 -29.79
N ARG B 109 -19.82 40.82 -30.43
CA ARG B 109 -19.92 40.81 -31.90
C ARG B 109 -18.97 41.85 -32.51
N GLN B 110 -18.92 43.03 -31.90
CA GLN B 110 -18.05 44.10 -32.35
C GLN B 110 -16.57 43.74 -32.30
N ALA B 111 -16.17 43.03 -31.25
CA ALA B 111 -14.80 42.55 -31.11
C ALA B 111 -14.43 41.51 -32.17
N ILE B 112 -15.37 40.61 -32.50
CA ILE B 112 -15.18 39.65 -33.59
C ILE B 112 -15.06 40.40 -34.91
N GLN B 113 -15.95 41.39 -35.10
CA GLN B 113 -15.99 42.21 -36.32
C GLN B 113 -14.68 42.95 -36.51
N TYR B 114 -14.20 43.55 -35.42
CA TYR B 114 -12.93 44.26 -35.39
C TYR B 114 -11.74 43.40 -35.85
N LEU B 115 -11.70 42.15 -35.44
CA LEU B 115 -10.63 41.25 -35.83
C LEU B 115 -10.78 40.74 -37.26
N LEU B 116 -12.04 40.66 -37.74
CA LEU B 116 -12.32 40.30 -39.13
C LEU B 116 -11.93 41.45 -40.06
N ASP B 117 -12.22 42.68 -39.65
CA ASP B 117 -11.87 43.88 -40.40
C ASP B 117 -10.37 44.06 -40.53
N LEU B 118 -9.63 43.73 -39.47
CA LEU B 118 -8.16 43.74 -39.50
C LEU B 118 -7.59 42.54 -40.26
N ARG B 119 -8.46 41.64 -40.69
CA ARG B 119 -8.06 40.49 -41.50
C ARG B 119 -7.13 39.55 -40.72
N CYS B 120 -7.58 39.12 -39.56
CA CYS B 120 -7.02 37.93 -38.89
C CYS B 120 -7.41 36.71 -39.69
N ASP B 121 -6.50 35.76 -39.82
CA ASP B 121 -6.77 34.50 -40.50
C ASP B 121 -7.80 33.66 -39.76
N ALA B 122 -7.86 33.82 -38.43
CA ALA B 122 -8.72 33.04 -37.55
C ALA B 122 -9.00 33.77 -36.25
N ILE B 123 -10.12 33.45 -35.61
CA ILE B 123 -10.56 34.10 -34.37
C ILE B 123 -11.05 33.03 -33.39
N MSE B 124 -10.61 33.11 -32.12
CA MSE B 124 -11.07 32.18 -31.11
C MSE B 124 -11.81 32.95 -30.01
O MSE B 124 -11.43 34.07 -29.69
CB MSE B 124 -9.92 31.39 -30.53
CG MSE B 124 -8.84 31.07 -31.54
SE MSE B 124 -7.40 30.06 -30.78
CE MSE B 124 -8.29 28.35 -30.79
N ILE B 125 -12.87 32.34 -29.49
CA ILE B 125 -13.73 32.99 -28.50
C ILE B 125 -14.42 31.98 -27.58
N TYR B 126 -14.47 32.32 -26.30
CA TYR B 126 -15.33 31.63 -25.35
C TYR B 126 -16.37 32.65 -24.93
N PRO B 127 -17.53 32.65 -25.60
CA PRO B 127 -18.51 33.72 -25.48
C PRO B 127 -19.38 33.62 -24.22
N ARG B 128 -19.55 34.76 -23.56
CA ARG B 128 -20.38 34.86 -22.36
C ARG B 128 -21.81 35.33 -22.69
N PHE B 129 -21.94 36.24 -23.65
CA PHE B 129 -23.24 36.83 -23.98
C PHE B 129 -23.77 36.47 -25.37
N LEU B 130 -22.87 36.43 -26.35
CA LEU B 130 -23.23 36.15 -27.73
C LEU B 130 -23.72 34.71 -27.87
N SER B 131 -24.92 34.55 -28.41
CA SER B 131 -25.52 33.22 -28.53
C SER B 131 -24.88 32.44 -29.67
N VAL B 132 -25.03 31.11 -29.63
CA VAL B 132 -24.44 30.25 -30.66
C VAL B 132 -25.04 30.46 -32.06
N ASP B 133 -26.33 30.76 -32.13
CA ASP B 133 -27.02 30.93 -33.41
C ASP B 133 -26.50 32.14 -34.18
N GLU B 134 -26.19 33.20 -33.45
CA GLU B 134 -25.59 34.41 -34.01
C GLU B 134 -24.17 34.19 -34.54
N ILE B 135 -23.39 33.40 -33.81
CA ILE B 135 -22.03 33.04 -34.23
C ILE B 135 -22.05 32.15 -35.46
N ASP B 136 -23.04 31.26 -35.55
CA ASP B 136 -23.27 30.46 -36.75
C ASP B 136 -23.45 31.35 -37.99
N ASP B 137 -24.20 32.43 -37.84
CA ASP B 137 -24.42 33.39 -38.93
C ASP B 137 -23.13 34.10 -39.36
N ILE B 138 -22.30 34.48 -38.38
CA ILE B 138 -21.02 35.14 -38.64
C ILE B 138 -20.04 34.19 -39.35
N ILE B 139 -20.03 32.93 -38.92
CA ILE B 139 -19.21 31.89 -39.56
C ILE B 139 -19.60 31.70 -41.03
N ASP B 140 -20.90 31.75 -41.31
CA ASP B 140 -21.42 31.60 -42.68
C ASP B 140 -21.00 32.76 -43.60
N ALA B 141 -20.93 33.95 -43.05
CA ALA B 141 -20.59 35.16 -43.79
C ALA B 141 -19.10 35.35 -44.07
N HIS B 142 -18.24 34.55 -43.44
CA HIS B 142 -16.79 34.78 -43.50
C HIS B 142 -15.97 33.51 -43.72
N SER B 143 -14.95 33.64 -44.54
CA SER B 143 -14.04 32.53 -44.86
C SER B 143 -13.02 32.25 -43.73
N GLN B 144 -12.83 33.22 -42.86
CA GLN B 144 -11.92 33.06 -41.73
C GLN B 144 -12.60 32.29 -40.61
N PRO B 145 -12.04 31.14 -40.22
CA PRO B 145 -12.62 30.30 -39.17
C PRO B 145 -12.78 31.02 -37.82
N ILE B 146 -13.98 30.93 -37.25
CA ILE B 146 -14.23 31.42 -35.91
C ILE B 146 -14.45 30.23 -34.97
N MSE B 147 -13.49 29.99 -34.10
CA MSE B 147 -13.51 28.84 -33.19
C MSE B 147 -14.19 29.19 -31.87
O MSE B 147 -13.93 30.23 -31.29
CB MSE B 147 -12.11 28.32 -32.92
CG MSE B 147 -11.25 28.11 -34.16
SE MSE B 147 -12.07 26.94 -35.50
CE MSE B 147 -12.23 25.32 -34.45
N VAL B 148 -15.10 28.32 -31.43
CA VAL B 148 -15.89 28.59 -30.24
C VAL B 148 -15.64 27.53 -29.17
N LEU B 149 -15.22 27.96 -27.99
CA LEU B 149 -14.91 27.05 -26.90
C LEU B 149 -16.05 26.97 -25.91
N ASN B 150 -16.34 25.75 -25.44
CA ASN B 150 -17.33 25.46 -24.38
C ASN B 150 -18.78 25.80 -24.75
N ARG B 151 -19.07 25.76 -26.04
CA ARG B 151 -20.41 25.98 -26.54
C ARG B 151 -20.65 24.98 -27.66
N ARG B 152 -21.92 24.73 -27.97
CA ARG B 152 -22.26 23.83 -29.07
C ARG B 152 -22.93 24.59 -30.20
N LEU B 153 -22.28 24.64 -31.36
CA LEU B 153 -22.90 25.26 -32.54
C LEU B 153 -23.79 24.25 -33.27
N ARG B 154 -24.97 24.70 -33.67
CA ARG B 154 -25.94 23.84 -34.33
C ARG B 154 -25.61 23.52 -35.77
N LYS B 155 -25.24 24.54 -36.54
CA LYS B 155 -24.91 24.34 -37.94
C LYS B 155 -23.44 23.97 -38.12
N ASN B 156 -22.56 24.90 -37.79
CA ASN B 156 -21.12 24.72 -38.00
C ASN B 156 -20.48 24.08 -36.77
N SER B 157 -20.84 22.83 -36.50
CA SER B 157 -20.47 22.16 -35.27
C SER B 157 -19.00 21.80 -35.17
N SER B 158 -18.30 21.75 -36.30
CA SER B 158 -16.86 21.47 -36.31
C SER B 158 -16.06 22.70 -35.85
N HIS B 159 -16.69 23.87 -35.87
CA HIS B 159 -16.09 25.11 -35.39
C HIS B 159 -16.16 25.23 -33.87
N SER B 160 -16.96 24.39 -33.21
CA SER B 160 -17.09 24.44 -31.76
C SER B 160 -16.58 23.19 -31.07
N VAL B 161 -15.93 23.37 -29.94
CA VAL B 161 -15.46 22.26 -29.13
C VAL B 161 -16.19 22.32 -27.82
N TRP B 162 -16.94 21.30 -27.50
CA TRP B 162 -17.80 21.32 -26.34
C TRP B 162 -17.66 20.09 -25.47
N CYS B 163 -18.17 20.20 -24.27
CA CYS B 163 -18.26 19.12 -23.32
C CYS B 163 -19.73 18.85 -23.09
N ASP B 164 -20.09 17.57 -22.96
CA ASP B 164 -21.48 17.22 -22.69
C ASP B 164 -21.75 17.40 -21.20
N HIS B 165 -22.07 18.63 -20.80
CA HIS B 165 -22.28 18.97 -19.38
C HIS B 165 -23.54 18.31 -18.83
N LYS B 166 -24.54 18.13 -19.70
CA LYS B 166 -25.78 17.42 -19.36
C LYS B 166 -25.51 15.97 -18.95
N GLN B 167 -24.77 15.25 -19.80
CA GLN B 167 -24.48 13.83 -19.58
C GLN B 167 -23.53 13.66 -18.41
N THR B 168 -22.57 14.58 -18.29
CA THR B 168 -21.62 14.62 -17.19
C THR B 168 -22.34 14.77 -15.84
N SER B 169 -23.27 15.72 -15.76
CA SER B 169 -24.09 15.91 -14.57
C SER B 169 -24.89 14.65 -14.26
N PHE B 170 -25.58 14.13 -15.28
CA PHE B 170 -26.36 12.89 -15.20
C PHE B 170 -25.56 11.76 -14.54
N ASN B 171 -24.38 11.47 -15.11
CA ASN B 171 -23.50 10.42 -14.60
C ASN B 171 -23.07 10.59 -13.14
N ALA B 172 -22.80 11.83 -12.75
CA ALA B 172 -22.44 12.13 -11.37
C ALA B 172 -23.62 11.92 -10.44
N VAL B 173 -24.80 12.38 -10.85
CA VAL B 173 -26.02 12.18 -10.05
C VAL B 173 -26.38 10.68 -10.00
N ALA B 174 -26.16 9.97 -11.10
CA ALA B 174 -26.40 8.53 -11.17
C ALA B 174 -25.52 7.75 -10.20
N GLU B 175 -24.30 8.23 -9.98
CA GLU B 175 -23.40 7.61 -9.00
C GLU B 175 -23.87 7.82 -7.56
N LEU B 176 -24.52 8.95 -7.31
CA LEU B 176 -25.11 9.26 -6.02
C LEU B 176 -26.34 8.38 -5.73
N ILE B 177 -27.16 8.16 -6.75
CA ILE B 177 -28.34 7.30 -6.66
C ILE B 177 -27.91 5.84 -6.45
N ASN B 178 -26.95 5.38 -7.27
CA ASN B 178 -26.41 4.02 -7.15
C ASN B 178 -25.67 3.73 -5.84
N ALA B 179 -25.26 4.79 -5.14
CA ALA B 179 -24.68 4.65 -3.80
C ALA B 179 -25.72 4.74 -2.69
N GLY B 180 -26.98 5.00 -3.07
CA GLY B 180 -28.09 4.93 -2.14
C GLY B 180 -28.83 6.21 -1.81
N HIS B 181 -28.46 7.31 -2.45
CA HIS B 181 -29.11 8.60 -2.16
C HIS B 181 -30.40 8.80 -2.95
N GLN B 182 -31.49 9.00 -2.23
CA GLN B 182 -32.81 9.12 -2.83
C GLN B 182 -33.28 10.57 -2.84
N GLU B 183 -32.95 11.30 -1.78
CA GLU B 183 -33.27 12.70 -1.69
C GLU B 183 -31.98 13.50 -1.92
N ILE B 184 -31.86 14.10 -3.10
CA ILE B 184 -30.64 14.78 -3.52
C ILE B 184 -30.88 16.25 -3.88
N ALA B 185 -30.24 17.14 -3.12
CA ALA B 185 -30.38 18.58 -3.36
C ALA B 185 -29.48 19.05 -4.52
N PHE B 186 -29.87 20.14 -5.16
CA PHE B 186 -29.11 20.70 -6.27
C PHE B 186 -29.03 22.22 -6.18
N LEU B 187 -27.82 22.75 -6.30
CA LEU B 187 -27.60 24.21 -6.34
C LEU B 187 -27.18 24.59 -7.76
N THR B 188 -27.98 25.41 -8.43
CA THR B 188 -27.69 25.83 -9.81
C THR B 188 -26.62 26.93 -9.87
N GLY B 189 -25.98 27.06 -11.03
CA GLY B 189 -25.21 28.26 -11.36
C GLY B 189 -26.19 29.30 -11.85
N SER B 190 -25.67 30.37 -12.48
CA SER B 190 -26.53 31.45 -12.99
C SER B 190 -27.61 30.94 -13.94
N MSE B 191 -28.80 31.53 -13.83
CA MSE B 191 -29.97 31.11 -14.63
C MSE B 191 -29.78 31.13 -16.15
O MSE B 191 -30.28 30.24 -16.84
CB MSE B 191 -31.19 31.95 -14.25
CG MSE B 191 -31.74 31.65 -12.88
SE MSE B 191 -33.34 32.70 -12.52
CE MSE B 191 -34.48 32.02 -13.95
N ASP B 192 -29.08 32.13 -16.66
CA ASP B 192 -28.85 32.29 -18.10
C ASP B 192 -27.60 31.54 -18.63
N SER B 193 -26.88 30.86 -17.73
CA SER B 193 -25.66 30.16 -18.08
C SER B 193 -25.94 28.83 -18.79
N PRO B 194 -25.42 28.66 -20.02
CA PRO B 194 -25.61 27.41 -20.77
C PRO B 194 -25.18 26.16 -19.98
N THR B 195 -24.01 26.22 -19.35
CA THR B 195 -23.49 25.13 -18.53
C THR B 195 -24.38 24.83 -17.32
N SER B 196 -24.92 25.87 -16.68
CA SER B 196 -25.80 25.69 -15.53
C SER B 196 -27.12 25.04 -15.94
N ILE B 197 -27.63 25.46 -17.11
CA ILE B 197 -28.88 24.94 -17.63
C ILE B 197 -28.73 23.45 -17.90
N GLU B 198 -27.60 23.09 -18.52
CA GLU B 198 -27.29 21.71 -18.85
C GLU B 198 -27.08 20.84 -17.62
N ARG B 199 -26.47 21.40 -16.58
CA ARG B 199 -26.21 20.62 -15.38
C ARG B 199 -27.47 20.34 -14.58
N LEU B 200 -28.40 21.30 -14.57
CA LEU B 200 -29.70 21.12 -13.94
C LEU B 200 -30.52 20.07 -14.69
N ALA B 201 -30.44 20.11 -16.01
CA ALA B 201 -31.17 19.19 -16.86
C ALA B 201 -30.68 17.76 -16.66
N GLY B 202 -29.37 17.60 -16.54
CA GLY B 202 -28.74 16.30 -16.23
C GLY B 202 -29.15 15.72 -14.88
N TYR B 203 -29.39 16.61 -13.90
CA TYR B 203 -29.89 16.21 -12.58
C TYR B 203 -31.34 15.71 -12.65
N LYS B 204 -32.18 16.39 -13.39
CA LYS B 204 -33.56 16.06 -13.46
C LYS B 204 -33.74 14.79 -14.23
N ASP B 205 -32.97 14.65 -15.30
CA ASP B 205 -32.96 13.46 -16.15
C ASP B 205 -32.54 12.21 -15.38
N ALA B 206 -31.61 12.38 -14.43
CA ALA B 206 -31.15 11.26 -13.62
C ALA B 206 -32.20 10.79 -12.61
N LEU B 207 -32.89 11.76 -12.00
CA LEU B 207 -33.97 11.46 -11.07
C LEU B 207 -35.14 10.76 -11.78
N ALA B 208 -35.49 11.24 -12.98
CA ALA B 208 -36.59 10.69 -13.77
C ALA B 208 -36.33 9.24 -14.20
N GLN B 209 -35.08 8.96 -14.59
CA GLN B 209 -34.71 7.65 -15.08
C GLN B 209 -34.39 6.63 -13.98
N HIS B 210 -34.33 7.09 -12.74
CA HIS B 210 -34.12 6.18 -11.62
C HIS B 210 -35.39 6.15 -10.74
N GLY B 211 -36.49 6.61 -11.32
CA GLY B 211 -37.81 6.52 -10.70
C GLY B 211 -38.08 7.47 -9.55
N ILE B 212 -37.24 8.48 -9.39
CA ILE B 212 -37.39 9.46 -8.30
C ILE B 212 -38.19 10.67 -8.77
N ALA B 213 -39.21 11.02 -8.00
CA ALA B 213 -40.05 12.18 -8.30
C ALA B 213 -39.28 13.49 -8.11
N LEU B 214 -39.47 14.42 -9.04
CA LEU B 214 -38.83 15.73 -8.98
C LEU B 214 -39.41 16.56 -7.85
N ASN B 215 -38.61 16.76 -6.81
CA ASN B 215 -38.96 17.65 -5.71
C ASN B 215 -38.31 19.00 -5.96
N GLU B 216 -39.12 19.99 -6.26
CA GLU B 216 -38.63 21.28 -6.63
C GLU B 216 -38.06 22.02 -5.45
N LYS B 217 -38.49 21.65 -4.27
CA LYS B 217 -38.03 22.26 -3.03
C LYS B 217 -36.54 21.98 -2.81
N LEU B 218 -36.05 20.93 -3.45
CA LEU B 218 -34.65 20.52 -3.36
C LEU B 218 -33.72 21.25 -4.34
N ILE B 219 -34.23 22.22 -5.05
CA ILE B 219 -33.44 22.88 -6.04
C ILE B 219 -33.35 24.34 -5.76
N ALA B 220 -32.14 24.81 -5.51
CA ALA B 220 -31.93 26.21 -5.26
C ALA B 220 -31.10 26.80 -6.35
N ASN B 221 -31.33 28.07 -6.63
CA ASN B 221 -30.56 28.77 -7.62
C ASN B 221 -29.32 29.45 -7.05
N GLY B 222 -28.27 29.57 -7.83
CA GLY B 222 -27.00 30.10 -7.36
C GLY B 222 -26.34 31.02 -8.37
N LYS B 223 -25.13 31.50 -8.09
CA LYS B 223 -24.49 32.44 -9.02
C LYS B 223 -23.00 32.14 -9.19
N TRP B 224 -22.61 30.88 -8.97
CA TRP B 224 -21.23 30.38 -9.04
C TRP B 224 -20.28 30.77 -7.88
N THR B 225 -20.73 31.62 -6.97
CA THR B 225 -19.87 32.17 -5.90
C THR B 225 -20.01 31.34 -4.64
N PRO B 226 -18.97 31.34 -3.78
CA PRO B 226 -19.08 30.70 -2.47
C PRO B 226 -20.25 31.22 -1.63
N ALA B 227 -20.54 32.51 -1.70
CA ALA B 227 -21.67 33.09 -0.96
C ALA B 227 -22.98 32.45 -1.37
N SER B 228 -23.21 32.37 -2.68
CA SER B 228 -24.46 31.82 -3.23
C SER B 228 -24.67 30.34 -2.92
N GLY B 229 -23.57 29.62 -2.67
CA GLY B 229 -23.64 28.25 -2.20
C GLY B 229 -24.11 28.17 -0.75
N ALA B 230 -23.72 29.14 0.05
CA ALA B 230 -24.31 29.27 1.35
C ALA B 230 -25.72 29.84 1.36
N GLU B 231 -25.97 30.88 0.63
CA GLU B 231 -27.33 31.27 0.52
C GLU B 231 -28.24 30.12 0.12
N GLY B 232 -27.70 28.95 -0.20
CA GLY B 232 -28.48 28.07 -0.99
C GLY B 232 -28.78 26.96 -0.04
N VAL B 233 -27.77 26.53 0.67
CA VAL B 233 -28.01 25.68 1.84
C VAL B 233 -28.99 26.35 2.83
N GLU B 234 -28.82 27.65 3.02
CA GLU B 234 -29.66 28.45 3.91
C GLU B 234 -31.11 28.43 3.45
N MSE B 235 -31.34 28.50 2.14
CA MSE B 235 -32.70 28.46 1.60
CA MSE B 235 -32.75 28.43 1.70
C MSE B 235 -33.13 27.07 2.04
O MSE B 235 -33.99 26.87 2.87
CB MSE B 235 -32.68 28.54 0.08
CB MSE B 235 -32.88 28.53 0.19
CG MSE B 235 -33.35 29.79 -0.54
CG MSE B 235 -33.11 29.95 -0.30
SE MSE B 235 -32.47 30.56 -2.14
SE MSE B 235 -34.73 30.31 -1.34
CE MSE B 235 -33.72 30.02 -3.49
CE MSE B 235 -36.11 29.92 -0.05
N LEU B 236 -32.49 26.08 1.47
CA LEU B 236 -32.95 24.70 1.54
C LEU B 236 -33.38 24.31 2.95
N LEU B 237 -32.58 24.69 3.94
CA LEU B 237 -32.87 24.35 5.33
C LEU B 237 -34.09 25.09 5.88
N GLU B 238 -34.40 26.22 5.30
CA GLU B 238 -35.42 27.07 5.84
C GLU B 238 -36.80 26.66 5.44
N ARG B 239 -36.92 26.22 4.21
CA ARG B 239 -38.17 25.65 3.77
C ARG B 239 -38.30 24.16 4.03
N GLY B 240 -37.44 23.65 4.91
CA GLY B 240 -37.58 22.33 5.49
C GLY B 240 -37.29 21.15 4.58
N ALA B 241 -36.52 21.40 3.53
CA ALA B 241 -36.13 20.35 2.57
C ALA B 241 -35.23 19.32 3.24
N LYS B 242 -35.50 18.05 3.00
CA LYS B 242 -34.66 17.01 3.54
C LYS B 242 -33.91 16.28 2.47
N PHE B 243 -32.64 16.05 2.74
CA PHE B 243 -31.72 15.51 1.74
C PHE B 243 -30.50 14.88 2.40
N SER B 244 -29.98 13.84 1.77
CA SER B 244 -28.77 13.15 2.23
C SER B 244 -27.57 13.44 1.31
N ALA B 245 -27.83 14.19 0.25
CA ALA B 245 -26.81 14.55 -0.73
C ALA B 245 -27.08 15.91 -1.35
N LEU B 246 -26.00 16.63 -1.65
CA LEU B 246 -26.09 17.94 -2.29
C LEU B 246 -25.10 18.03 -3.44
N VAL B 247 -25.59 18.50 -4.58
CA VAL B 247 -24.77 18.72 -5.75
C VAL B 247 -24.71 20.21 -5.98
N ALA B 248 -23.52 20.77 -5.85
CA ALA B 248 -23.32 22.15 -6.25
C ALA B 248 -22.77 22.18 -7.66
N SER B 249 -23.21 23.16 -8.45
CA SER B 249 -22.80 23.25 -9.86
C SER B 249 -21.33 23.64 -10.08
N ASN B 250 -20.69 24.19 -9.04
CA ASN B 250 -19.22 24.26 -9.01
C ASN B 250 -18.62 24.05 -7.61
N ASP B 251 -17.31 23.85 -7.56
CA ASP B 251 -16.58 23.66 -6.30
C ASP B 251 -16.71 24.83 -5.32
N ASP B 252 -16.63 26.05 -5.84
CA ASP B 252 -16.79 27.28 -5.03
C ASP B 252 -18.13 27.29 -4.28
N MSE B 253 -19.23 27.01 -4.98
CA MSE B 253 -20.53 26.86 -4.33
C MSE B 253 -20.56 25.69 -3.35
O MSE B 253 -21.20 25.79 -2.31
CB MSE B 253 -21.67 26.70 -5.36
CG MSE B 253 -22.05 27.99 -6.07
SE MSE B 253 -23.59 27.86 -7.25
CE MSE B 253 -22.77 26.91 -8.63
N ALA B 254 -19.84 24.62 -3.67
CA ALA B 254 -19.77 23.47 -2.78
C ALA B 254 -19.05 23.76 -1.47
N ILE B 255 -17.99 24.58 -1.54
CA ILE B 255 -17.21 24.94 -0.36
C ILE B 255 -18.05 25.87 0.51
N GLY B 256 -18.74 26.80 -0.14
CA GLY B 256 -19.71 27.67 0.53
C GLY B 256 -20.85 26.90 1.15
N ALA B 257 -21.33 25.88 0.45
CA ALA B 257 -22.39 24.99 0.96
C ALA B 257 -21.93 24.26 2.22
N MSE B 258 -20.75 23.61 2.14
CA MSE B 258 -20.18 22.89 3.27
C MSE B 258 -20.01 23.79 4.50
O MSE B 258 -20.28 23.35 5.61
CB MSE B 258 -18.84 22.22 2.90
CG MSE B 258 -18.98 20.99 2.03
SE MSE B 258 -17.35 20.01 1.69
CE MSE B 258 -16.24 21.44 1.01
N LYS B 259 -19.62 25.04 4.28
CA LYS B 259 -19.43 26.01 5.35
C LYS B 259 -20.74 26.29 6.09
N ALA B 260 -21.81 26.49 5.33
CA ALA B 260 -23.13 26.79 5.90
C ALA B 260 -23.73 25.56 6.58
N LEU B 261 -23.45 24.39 6.02
CA LEU B 261 -23.88 23.13 6.63
C LEU B 261 -23.20 22.91 7.98
N HIS B 262 -21.88 23.15 8.03
CA HIS B 262 -21.11 23.00 9.26
CA HIS B 262 -21.10 23.00 9.26
C HIS B 262 -21.59 23.96 10.35
N GLU B 263 -21.91 25.19 9.95
CA GLU B 263 -22.37 26.24 10.86
C GLU B 263 -23.82 26.07 11.33
N ARG B 264 -24.51 25.11 10.74
CA ARG B 264 -25.86 24.75 11.15
C ARG B 264 -25.88 23.41 11.86
N GLY B 265 -24.70 22.87 12.15
CA GLY B 265 -24.57 21.60 12.85
C GLY B 265 -24.86 20.35 12.03
N VAL B 266 -24.90 20.51 10.71
CA VAL B 266 -25.13 19.38 9.80
C VAL B 266 -23.80 18.76 9.41
N ALA B 267 -23.65 17.46 9.64
CA ALA B 267 -22.39 16.76 9.37
C ALA B 267 -22.20 16.42 7.89
N VAL B 268 -21.01 16.70 7.39
CA VAL B 268 -20.60 16.30 6.05
C VAL B 268 -19.39 15.37 6.19
N PRO B 269 -19.47 14.16 5.64
CA PRO B 269 -20.51 13.53 4.81
C PRO B 269 -21.60 12.70 5.52
N GLU B 270 -21.57 12.62 6.85
CA GLU B 270 -22.45 11.71 7.61
C GLU B 270 -23.94 11.96 7.42
N GLN B 271 -24.37 13.21 7.55
CA GLN B 271 -25.76 13.58 7.28
C GLN B 271 -25.97 13.93 5.79
N VAL B 272 -25.11 14.82 5.27
CA VAL B 272 -25.21 15.29 3.88
C VAL B 272 -23.89 15.10 3.14
N SER B 273 -23.91 14.25 2.10
CA SER B 273 -22.79 14.11 1.18
C SER B 273 -22.80 15.27 0.20
N VAL B 274 -21.61 15.76 -0.15
CA VAL B 274 -21.47 16.94 -1.03
C VAL B 274 -20.53 16.65 -2.21
N ILE B 275 -20.98 16.99 -3.41
CA ILE B 275 -20.12 17.00 -4.59
C ILE B 275 -20.17 18.36 -5.32
N GLY B 276 -19.12 18.67 -6.06
CA GLY B 276 -19.11 19.85 -6.93
C GLY B 276 -18.60 19.54 -8.34
N PHE B 277 -18.36 20.59 -9.11
CA PHE B 277 -17.77 20.49 -10.45
C PHE B 277 -16.57 21.44 -10.52
N ASP B 278 -15.51 21.01 -11.22
CA ASP B 278 -14.29 21.80 -11.57
C ASP B 278 -13.01 21.12 -11.14
N ASP B 279 -13.07 20.31 -10.07
CA ASP B 279 -11.88 19.65 -9.49
C ASP B 279 -10.74 20.65 -9.26
N ILE B 280 -11.03 21.70 -8.50
CA ILE B 280 -10.02 22.74 -8.25
C ILE B 280 -8.89 22.19 -7.37
N ALA B 281 -7.72 22.83 -7.47
CA ALA B 281 -6.52 22.42 -6.72
C ALA B 281 -6.74 22.35 -5.21
N ILE B 282 -7.64 23.18 -4.72
CA ILE B 282 -8.02 23.26 -3.31
C ILE B 282 -8.84 22.06 -2.78
N ALA B 283 -9.60 21.42 -3.67
CA ALA B 283 -10.54 20.33 -3.30
C ALA B 283 -10.03 19.19 -2.36
N PRO B 284 -8.83 18.62 -2.60
CA PRO B 284 -8.39 17.57 -1.67
C PRO B 284 -8.02 18.07 -0.28
N TYR B 285 -8.00 19.39 -0.11
CA TYR B 285 -7.49 19.99 1.11
C TYR B 285 -8.57 20.69 1.90
N THR B 286 -9.81 20.58 1.45
CA THR B 286 -10.95 20.99 2.28
C THR B 286 -11.20 19.96 3.37
N VAL B 287 -12.07 20.28 4.32
CA VAL B 287 -12.48 19.29 5.31
C VAL B 287 -14.00 19.12 5.35
N PRO B 288 -14.49 17.96 4.89
CA PRO B 288 -13.68 16.85 4.35
C PRO B 288 -13.24 17.14 2.91
N ALA B 289 -12.33 16.34 2.36
CA ALA B 289 -11.86 16.53 0.99
C ALA B 289 -13.05 16.49 0.04
N LEU B 290 -13.14 17.48 -0.84
CA LEU B 290 -14.32 17.68 -1.68
C LEU B 290 -14.33 16.82 -2.94
N SER B 291 -15.35 15.97 -3.05
CA SER B 291 -15.59 15.17 -4.26
C SER B 291 -16.03 16.11 -5.37
N SER B 292 -15.46 15.95 -6.55
CA SER B 292 -15.74 16.86 -7.65
C SER B 292 -15.63 16.21 -9.01
N VAL B 293 -16.40 16.76 -9.94
CA VAL B 293 -16.33 16.36 -11.34
C VAL B 293 -15.17 17.09 -12.03
N LYS B 294 -14.24 16.32 -12.60
CA LYS B 294 -13.17 16.88 -13.39
C LYS B 294 -13.60 17.02 -14.84
N ILE B 295 -13.41 18.21 -15.40
CA ILE B 295 -13.72 18.51 -16.79
C ILE B 295 -12.39 18.48 -17.56
N PRO B 296 -12.34 17.79 -18.73
CA PRO B 296 -11.09 17.75 -19.48
C PRO B 296 -10.84 19.03 -20.29
N VAL B 297 -10.52 20.11 -19.59
CA VAL B 297 -10.37 21.42 -20.20
C VAL B 297 -9.18 21.44 -21.16
N THR B 298 -8.04 20.89 -20.71
CA THR B 298 -6.79 20.88 -21.48
C THR B 298 -6.93 20.13 -22.81
N GLU B 299 -7.62 19.00 -22.77
CA GLU B 299 -7.91 18.20 -23.95
C GLU B 299 -8.82 18.94 -24.91
N MSE B 300 -9.81 19.66 -24.38
CA MSE B 300 -10.68 20.53 -25.18
C MSE B 300 -9.91 21.65 -25.89
O MSE B 300 -10.21 21.99 -27.02
CB MSE B 300 -11.82 21.11 -24.34
CG MSE B 300 -12.86 20.10 -23.86
SE MSE B 300 -13.99 20.79 -22.42
CE MSE B 300 -14.91 22.18 -23.42
N ILE B 301 -8.91 22.21 -25.20
CA ILE B 301 -8.11 23.28 -25.79
C ILE B 301 -7.22 22.72 -26.89
N GLN B 302 -6.57 21.58 -26.60
CA GLN B 302 -5.72 20.92 -27.57
C GLN B 302 -6.49 20.51 -28.82
N GLU B 303 -7.74 20.11 -28.62
CA GLU B 303 -8.64 19.79 -29.72
C GLU B 303 -9.01 21.02 -30.55
N ILE B 304 -9.31 22.14 -29.89
CA ILE B 304 -9.70 23.36 -30.61
C ILE B 304 -8.53 23.96 -31.39
N ILE B 305 -7.31 23.84 -30.84
CA ILE B 305 -6.09 24.32 -31.48
C ILE B 305 -5.78 23.44 -32.70
N GLY B 306 -5.87 22.12 -32.50
CA GLY B 306 -5.58 21.13 -33.55
C GLY B 306 -6.51 21.29 -34.74
N ARG B 307 -7.79 21.51 -34.43
CA ARG B 307 -8.82 21.78 -35.42
C ARG B 307 -8.56 23.04 -36.22
N LEU B 308 -8.10 24.09 -35.53
CA LEU B 308 -7.77 25.35 -36.17
C LEU B 308 -6.56 25.22 -37.08
N ILE B 309 -5.54 24.48 -36.62
CA ILE B 309 -4.33 24.24 -37.40
C ILE B 309 -4.71 23.59 -38.73
N PHE B 310 -5.60 22.59 -38.66
CA PHE B 310 -6.07 21.91 -39.86
C PHE B 310 -6.88 22.81 -40.79
N MSE B 311 -7.74 23.65 -40.22
CA MSE B 311 -8.53 24.59 -41.02
C MSE B 311 -7.69 25.66 -41.74
O MSE B 311 -8.10 26.16 -42.79
CB MSE B 311 -9.61 25.25 -40.16
CG MSE B 311 -10.78 24.35 -39.78
SE MSE B 311 -12.28 25.27 -38.92
CE MSE B 311 -13.12 23.72 -38.14
N LEU B 312 -6.53 26.02 -41.17
CA LEU B 312 -5.70 27.06 -41.76
C LEU B 312 -4.63 26.49 -42.67
N ASP B 313 -4.02 25.39 -42.25
CA ASP B 313 -2.77 24.91 -42.85
C ASP B 313 -2.93 23.57 -43.58
N GLY B 314 -4.09 22.94 -43.43
CA GLY B 314 -4.33 21.64 -44.05
C GLY B 314 -3.72 20.54 -43.22
N GLY B 315 -3.18 19.53 -43.90
CA GLY B 315 -2.70 18.33 -43.23
C GLY B 315 -3.77 17.26 -43.33
N ASP B 316 -3.76 16.33 -42.37
CA ASP B 316 -4.81 15.33 -42.29
C ASP B 316 -5.32 15.29 -40.86
N PHE B 317 -6.63 15.39 -40.71
CA PHE B 317 -7.22 15.56 -39.39
C PHE B 317 -7.43 14.25 -38.64
N SER B 318 -7.30 14.33 -37.32
CA SER B 318 -7.80 13.31 -36.44
C SER B 318 -9.29 13.59 -36.25
N PRO B 319 -10.15 12.56 -36.48
CA PRO B 319 -11.60 12.67 -36.33
C PRO B 319 -12.03 13.26 -34.99
N PRO B 320 -12.86 14.32 -35.03
CA PRO B 320 -13.36 15.18 -33.93
C PRO B 320 -13.82 14.41 -32.70
N LYS B 321 -13.21 14.72 -31.55
CA LYS B 321 -13.54 14.06 -30.29
C LYS B 321 -14.78 14.68 -29.66
N THR B 322 -15.44 13.90 -28.81
CA THR B 322 -16.48 14.43 -27.95
C THR B 322 -15.94 14.38 -26.53
N PHE B 323 -16.49 15.21 -25.63
CA PHE B 323 -15.94 15.28 -24.27
C PHE B 323 -16.97 15.16 -23.16
N SER B 324 -16.60 14.46 -22.10
CA SER B 324 -17.38 14.41 -20.88
C SER B 324 -16.47 14.37 -19.66
N GLY B 325 -17.02 14.70 -18.49
CA GLY B 325 -16.23 14.66 -17.26
C GLY B 325 -16.47 13.41 -16.43
N LYS B 326 -15.66 13.22 -15.40
CA LYS B 326 -15.90 12.15 -14.43
C LYS B 326 -15.78 12.62 -12.98
N LEU B 327 -16.63 12.04 -12.13
CA LEU B 327 -16.62 12.31 -10.70
C LEU B 327 -15.36 11.72 -10.06
N ILE B 328 -14.66 12.54 -9.28
CA ILE B 328 -13.55 12.05 -8.49
C ILE B 328 -14.01 11.92 -7.04
N ARG B 329 -14.03 10.68 -6.54
CA ARG B 329 -14.51 10.41 -5.19
C ARG B 329 -13.48 10.77 -4.13
N ARG B 330 -13.92 11.60 -3.18
CA ARG B 330 -13.12 11.96 -2.02
CA ARG B 330 -13.12 11.97 -2.02
C ARG B 330 -13.99 11.85 -0.77
N ASP B 331 -13.43 12.23 0.38
CA ASP B 331 -14.08 12.09 1.69
C ASP B 331 -15.46 12.73 1.87
N SER B 332 -15.82 13.70 1.05
CA SER B 332 -17.12 14.38 1.17
C SER B 332 -18.29 13.52 0.68
N LEU B 333 -17.99 12.37 0.07
CA LEU B 333 -19.01 11.47 -0.42
C LEU B 333 -18.87 10.06 0.16
N ILE B 334 -19.95 9.61 0.81
CA ILE B 334 -20.07 8.21 1.30
C ILE B 334 -21.45 7.61 0.97
N ALA B 335 -21.66 6.36 1.39
CA ALA B 335 -22.97 5.71 1.34
C ALA B 335 -23.72 5.89 2.69
N PRO B 336 -25.01 6.28 2.64
CA PRO B 336 -25.77 6.66 3.86
C PRO B 336 -26.12 5.49 4.81
N SER C 60 -19.22 -12.32 31.10
CA SER C 60 -17.82 -12.51 30.61
C SER C 60 -17.30 -13.91 30.90
N THR C 61 -16.44 -14.40 30.02
CA THR C 61 -15.79 -15.70 30.17
C THR C 61 -14.31 -15.53 30.48
N GLN C 62 -13.85 -14.28 30.49
CA GLN C 62 -12.43 -13.91 30.57
C GLN C 62 -11.61 -14.59 29.45
N THR C 63 -12.03 -14.30 28.22
CA THR C 63 -11.48 -14.97 27.04
C THR C 63 -11.33 -13.98 25.90
N LEU C 64 -10.18 -14.02 25.25
CA LEU C 64 -9.86 -13.15 24.13
C LEU C 64 -9.68 -13.98 22.87
N GLY C 65 -10.20 -13.48 21.75
CA GLY C 65 -10.13 -14.20 20.49
C GLY C 65 -9.20 -13.56 19.46
N LEU C 66 -8.52 -14.41 18.69
CA LEU C 66 -7.70 -13.95 17.59
C LEU C 66 -7.86 -14.85 16.38
N VAL C 67 -8.24 -14.26 15.25
CA VAL C 67 -8.35 -14.99 14.00
C VAL C 67 -6.97 -15.02 13.33
N VAL C 68 -6.48 -16.22 13.05
CA VAL C 68 -5.26 -16.39 12.28
C VAL C 68 -5.62 -16.27 10.80
N THR C 69 -5.03 -15.30 10.12
CA THR C 69 -5.29 -15.08 8.70
C THR C 69 -4.07 -15.35 7.83
N ASN C 70 -4.30 -15.42 6.52
CA ASN C 70 -3.24 -15.62 5.52
C ASN C 70 -2.38 -14.36 5.34
N THR C 71 -1.84 -13.86 6.44
CA THR C 71 -1.14 -12.58 6.45
C THR C 71 0.17 -12.67 7.24
N LEU C 72 0.51 -13.87 7.69
CA LEU C 72 1.85 -14.19 8.20
C LEU C 72 2.82 -13.85 7.08
N TYR C 73 3.90 -13.14 7.36
CA TYR C 73 4.91 -12.73 6.34
C TYR C 73 4.53 -11.54 5.42
N HIS C 74 3.26 -11.12 5.48
CA HIS C 74 2.84 -9.91 4.76
C HIS C 74 3.02 -8.69 5.66
N GLY C 75 4.25 -8.18 5.70
CA GLY C 75 4.65 -7.22 6.72
C GLY C 75 4.67 -7.86 8.10
N ILE C 76 4.74 -7.04 9.14
CA ILE C 76 4.84 -7.56 10.50
C ILE C 76 3.54 -7.41 11.30
N TYR C 77 2.45 -7.02 10.62
CA TYR C 77 1.18 -6.71 11.26
C TYR C 77 0.68 -7.85 12.14
N PHE C 78 0.57 -9.05 11.58
CA PHE C 78 -0.02 -10.16 12.31
C PHE C 78 0.83 -10.65 13.48
N SER C 79 2.13 -10.82 13.26
CA SER C 79 3.00 -11.32 14.31
C SER C 79 3.10 -10.34 15.49
N GLU C 80 3.15 -9.04 15.21
CA GLU C 80 3.11 -8.03 16.28
C GLU C 80 1.77 -8.04 17.01
N LEU C 81 0.68 -8.15 16.25
CA LEU C 81 -0.65 -8.27 16.84
C LEU C 81 -0.72 -9.45 17.78
N LEU C 82 -0.17 -10.59 17.34
CA LEU C 82 -0.13 -11.81 18.13
C LEU C 82 0.67 -11.66 19.42
N PHE C 83 1.90 -11.16 19.28
CA PHE C 83 2.78 -10.91 20.41
C PHE C 83 2.09 -10.06 21.46
N HIS C 84 1.60 -8.88 21.08
CA HIS C 84 0.96 -7.96 22.00
C HIS C 84 -0.35 -8.45 22.58
N ALA C 85 -1.15 -9.16 21.79
CA ALA C 85 -2.40 -9.76 22.29
C ALA C 85 -2.11 -10.85 23.33
N ALA C 86 -1.02 -11.60 23.14
CA ALA C 86 -0.64 -12.63 24.10
C ALA C 86 -0.19 -11.98 25.40
N ARG C 87 0.58 -10.90 25.26
CA ARG C 87 1.06 -10.14 26.40
C ARG C 87 -0.08 -9.53 27.21
N MSE C 88 -1.05 -8.92 26.52
CA MSE C 88 -2.18 -8.27 27.17
C MSE C 88 -3.08 -9.28 27.86
O MSE C 88 -3.54 -9.04 28.98
CB MSE C 88 -2.98 -7.43 26.17
CG MSE C 88 -4.14 -6.66 26.80
SE MSE C 88 -5.83 -7.63 26.65
CE MSE C 88 -6.36 -6.91 24.91
N ALA C 89 -3.32 -10.42 27.21
CA ALA C 89 -4.14 -11.50 27.78
C ALA C 89 -3.55 -12.05 29.08
N GLU C 90 -2.23 -12.18 29.13
CA GLU C 90 -1.57 -12.69 30.32
C GLU C 90 -1.61 -11.64 31.44
N GLU C 91 -1.35 -10.39 31.09
CA GLU C 91 -1.37 -9.27 32.04
C GLU C 91 -2.74 -9.04 32.68
N LYS C 92 -3.80 -9.24 31.90
CA LYS C 92 -5.17 -9.05 32.37
C LYS C 92 -5.81 -10.35 32.85
N GLY C 93 -5.05 -11.44 32.80
CA GLY C 93 -5.49 -12.75 33.29
C GLY C 93 -6.61 -13.40 32.49
N ARG C 94 -6.63 -13.17 31.18
CA ARG C 94 -7.60 -13.84 30.32
C ARG C 94 -6.98 -14.84 29.35
N GLN C 95 -7.79 -15.79 28.90
CA GLN C 95 -7.33 -16.82 27.95
C GLN C 95 -7.31 -16.27 26.52
N LEU C 96 -6.26 -16.59 25.77
CA LEU C 96 -6.21 -16.25 24.36
C LEU C 96 -6.48 -17.48 23.46
N LEU C 97 -7.59 -17.42 22.73
CA LEU C 97 -8.03 -18.45 21.80
C LEU C 97 -7.68 -18.07 20.36
N LEU C 98 -7.20 -19.05 19.60
CA LEU C 98 -6.96 -18.85 18.17
C LEU C 98 -8.01 -19.57 17.32
N ALA C 99 -8.37 -18.94 16.20
CA ALA C 99 -9.20 -19.58 15.20
C ALA C 99 -8.55 -19.44 13.82
N ASP C 100 -8.65 -20.49 13.02
CA ASP C 100 -8.09 -20.49 11.69
C ASP C 100 -9.06 -19.85 10.70
N GLY C 101 -8.64 -18.74 10.09
CA GLY C 101 -9.46 -18.03 9.11
C GLY C 101 -9.35 -18.58 7.70
N LYS C 102 -8.37 -19.47 7.51
CA LYS C 102 -8.14 -20.20 6.27
C LYS C 102 -7.97 -19.29 5.05
N HIS C 103 -8.73 -19.57 3.99
CA HIS C 103 -8.41 -19.01 2.68
C HIS C 103 -9.57 -18.37 1.88
N SER C 104 -10.61 -17.91 2.56
CA SER C 104 -11.72 -17.20 1.90
C SER C 104 -12.44 -16.27 2.88
N ALA C 105 -13.31 -15.42 2.34
CA ALA C 105 -14.10 -14.49 3.15
C ALA C 105 -15.08 -15.24 4.04
N GLU C 106 -15.67 -16.30 3.48
CA GLU C 106 -16.61 -17.16 4.21
C GLU C 106 -15.94 -17.88 5.38
N GLU C 107 -14.74 -18.41 5.12
CA GLU C 107 -13.95 -19.07 6.17
C GLU C 107 -13.47 -18.11 7.26
N GLU C 108 -13.16 -16.87 6.90
CA GLU C 108 -12.81 -15.83 7.87
C GLU C 108 -14.00 -15.46 8.76
N ARG C 109 -15.17 -15.37 8.14
CA ARG C 109 -16.44 -15.12 8.86
C ARG C 109 -16.77 -16.27 9.81
N GLN C 110 -16.55 -17.49 9.35
CA GLN C 110 -16.77 -18.69 10.16
C GLN C 110 -15.87 -18.69 11.40
N ALA C 111 -14.62 -18.26 11.23
CA ALA C 111 -13.66 -18.19 12.33
C ALA C 111 -14.06 -17.14 13.37
N ILE C 112 -14.57 -15.99 12.91
CA ILE C 112 -15.15 -15.00 13.82
C ILE C 112 -16.36 -15.59 14.55
N GLN C 113 -17.26 -16.23 13.80
CA GLN C 113 -18.47 -16.84 14.33
C GLN C 113 -18.18 -17.90 15.40
N TYR C 114 -17.18 -18.74 15.13
CA TYR C 114 -16.73 -19.77 16.06
C TYR C 114 -16.28 -19.18 17.40
N LEU C 115 -15.54 -18.08 17.36
CA LEU C 115 -15.10 -17.39 18.57
C LEU C 115 -16.25 -16.69 19.32
N LEU C 116 -17.22 -16.17 18.55
CA LEU C 116 -18.43 -15.59 19.14
C LEU C 116 -19.29 -16.65 19.83
N ASP C 117 -19.37 -17.82 19.21
CA ASP C 117 -20.14 -18.95 19.76
C ASP C 117 -19.53 -19.51 21.04
N LEU C 118 -18.20 -19.51 21.12
CA LEU C 118 -17.50 -19.91 22.34
C LEU C 118 -17.56 -18.81 23.40
N ARG C 119 -18.09 -17.66 23.01
CA ARG C 119 -18.25 -16.45 23.84
C ARG C 119 -16.94 -15.84 24.36
N CYS C 120 -16.04 -15.55 23.43
CA CYS C 120 -14.90 -14.67 23.70
C CYS C 120 -15.46 -13.30 23.96
N ASP C 121 -14.87 -12.60 24.92
CA ASP C 121 -15.27 -11.23 25.24
C ASP C 121 -14.96 -10.29 24.08
N ALA C 122 -13.88 -10.58 23.35
CA ALA C 122 -13.44 -9.76 22.23
C ALA C 122 -12.73 -10.60 21.17
N ILE C 123 -12.74 -10.10 19.94
CA ILE C 123 -12.07 -10.76 18.80
C ILE C 123 -11.21 -9.73 18.05
N MSE C 124 -9.99 -10.13 17.67
CA MSE C 124 -9.13 -9.26 16.87
C MSE C 124 -8.81 -9.97 15.57
O MSE C 124 -8.64 -11.19 15.56
CB MSE C 124 -7.85 -8.91 17.63
CG MSE C 124 -8.08 -8.76 19.13
SE MSE C 124 -6.48 -8.32 20.09
CE MSE C 124 -6.37 -6.46 19.55
N ILE C 125 -8.73 -9.21 14.48
CA ILE C 125 -8.52 -9.77 13.15
C ILE C 125 -7.83 -8.75 12.23
N TYR C 126 -6.87 -9.23 11.44
CA TYR C 126 -6.35 -8.52 10.28
C TYR C 126 -6.83 -9.30 9.04
N PRO C 127 -8.00 -8.92 8.49
CA PRO C 127 -8.68 -9.65 7.41
C PRO C 127 -8.04 -9.55 6.02
N ARG C 128 -7.81 -10.71 5.39
CA ARG C 128 -7.25 -10.77 4.04
C ARG C 128 -8.35 -10.83 2.97
N PHE C 129 -9.42 -11.55 3.27
CA PHE C 129 -10.53 -11.70 2.31
C PHE C 129 -11.78 -10.97 2.70
N LEU C 130 -12.12 -10.99 4.00
CA LEU C 130 -13.40 -10.46 4.49
C LEU C 130 -13.44 -8.95 4.36
N SER C 131 -14.43 -8.47 3.61
CA SER C 131 -14.57 -7.03 3.36
CA SER C 131 -14.57 -7.03 3.36
C SER C 131 -14.93 -6.26 4.62
N VAL C 132 -14.61 -4.98 4.60
CA VAL C 132 -14.86 -4.06 5.69
C VAL C 132 -16.36 -3.91 6.00
N ASP C 133 -17.18 -3.89 4.96
CA ASP C 133 -18.62 -3.68 5.13
C ASP C 133 -19.29 -4.85 5.84
N GLU C 134 -18.84 -6.07 5.50
CA GLU C 134 -19.36 -7.29 6.13
C GLU C 134 -19.04 -7.34 7.63
N ILE C 135 -17.85 -6.85 7.99
CA ILE C 135 -17.41 -6.82 9.37
C ILE C 135 -18.24 -5.82 10.18
N ASP C 136 -18.55 -4.68 9.57
CA ASP C 136 -19.44 -3.69 10.19
C ASP C 136 -20.80 -4.29 10.60
N ASP C 137 -21.35 -5.13 9.73
CA ASP C 137 -22.59 -5.87 10.01
C ASP C 137 -22.46 -6.82 11.20
N ILE C 138 -21.34 -7.53 11.28
CA ILE C 138 -21.08 -8.45 12.39
C ILE C 138 -20.93 -7.68 13.70
N ILE C 139 -20.22 -6.56 13.66
CA ILE C 139 -20.07 -5.67 14.83
C ILE C 139 -21.43 -5.16 15.34
N ASP C 140 -22.32 -4.81 14.43
CA ASP C 140 -23.67 -4.33 14.78
C ASP C 140 -24.50 -5.42 15.45
N ALA C 141 -24.36 -6.65 14.97
CA ALA C 141 -25.11 -7.80 15.51
C ALA C 141 -24.63 -8.34 16.86
N HIS C 142 -23.48 -7.86 17.35
CA HIS C 142 -22.88 -8.44 18.57
C HIS C 142 -22.33 -7.39 19.53
N SER C 143 -22.52 -7.62 20.83
CA SER C 143 -22.02 -6.72 21.87
C SER C 143 -20.52 -6.91 22.14
N GLN C 144 -19.97 -8.04 21.68
CA GLN C 144 -18.54 -8.30 21.83
C GLN C 144 -17.77 -7.52 20.76
N PRO C 145 -16.82 -6.68 21.19
CA PRO C 145 -15.99 -5.91 20.26
C PRO C 145 -15.20 -6.79 19.27
N ILE C 146 -15.32 -6.47 17.98
CA ILE C 146 -14.48 -7.07 16.95
C ILE C 146 -13.50 -6.03 16.41
N MSE C 147 -12.23 -6.14 16.81
CA MSE C 147 -11.20 -5.17 16.45
C MSE C 147 -10.57 -5.51 15.11
O MSE C 147 -10.25 -6.67 14.85
CB MSE C 147 -10.13 -5.11 17.54
CG MSE C 147 -10.68 -4.91 18.94
SE MSE C 147 -11.89 -3.38 19.11
CE MSE C 147 -10.60 -1.96 18.67
N VAL C 148 -10.41 -4.49 14.26
CA VAL C 148 -9.88 -4.69 12.91
C VAL C 148 -8.58 -3.94 12.72
N LEU C 149 -7.52 -4.65 12.32
CA LEU C 149 -6.22 -4.01 12.11
C LEU C 149 -5.96 -3.78 10.62
N ASN C 150 -5.41 -2.60 10.32
CA ASN C 150 -4.94 -2.22 8.97
C ASN C 150 -6.04 -2.15 7.92
N ARG C 151 -7.24 -1.83 8.37
CA ARG C 151 -8.39 -1.62 7.50
C ARG C 151 -9.19 -0.46 8.08
N ARG C 152 -9.99 0.18 7.27
CA ARG C 152 -10.81 1.21 7.80
C ARG C 152 -12.26 0.88 7.68
N LEU C 153 -12.93 0.85 8.81
CA LEU C 153 -14.37 0.60 8.86
C LEU C 153 -15.17 1.90 8.65
N ARG C 154 -16.23 1.80 7.83
CA ARG C 154 -17.08 2.97 7.51
C ARG C 154 -17.97 3.41 8.66
N LYS C 155 -18.75 2.47 9.19
CA LYS C 155 -19.67 2.75 10.28
C LYS C 155 -18.96 2.76 11.65
N ASN C 156 -18.54 1.59 12.12
CA ASN C 156 -17.93 1.46 13.44
C ASN C 156 -16.43 1.74 13.43
N SER C 157 -16.06 2.99 13.15
CA SER C 157 -14.68 3.34 12.86
C SER C 157 -13.74 3.24 14.07
N SER C 158 -14.31 3.28 15.27
CA SER C 158 -13.48 3.19 16.49
C SER C 158 -13.03 1.75 16.74
N HIS C 159 -13.69 0.79 16.08
CA HIS C 159 -13.30 -0.62 16.11
C HIS C 159 -12.12 -0.95 15.19
N SER C 160 -11.74 -0.02 14.32
CA SER C 160 -10.59 -0.21 13.42
C SER C 160 -9.45 0.77 13.68
N VAL C 161 -8.22 0.27 13.57
CA VAL C 161 -7.03 1.11 13.60
C VAL C 161 -6.35 1.01 12.25
N TRP C 162 -6.17 2.13 11.59
CA TRP C 162 -5.67 2.14 10.24
C TRP C 162 -4.56 3.11 9.98
N CYS C 163 -3.94 2.96 8.85
CA CYS C 163 -2.88 3.84 8.39
C CYS C 163 -3.36 4.42 7.08
N ASP C 164 -3.14 5.72 6.88
CA ASP C 164 -3.49 6.34 5.62
C ASP C 164 -2.42 6.02 4.58
N HIS C 165 -2.56 4.86 3.95
CA HIS C 165 -1.58 4.40 2.96
C HIS C 165 -1.61 5.25 1.70
N LYS C 166 -2.78 5.79 1.36
CA LYS C 166 -2.94 6.73 0.25
C LYS C 166 -2.10 7.99 0.46
N GLN C 167 -2.28 8.66 1.60
CA GLN C 167 -1.55 9.90 1.92
C GLN C 167 -0.05 9.64 2.09
N THR C 168 0.26 8.49 2.69
CA THR C 168 1.64 8.04 2.87
C THR C 168 2.36 7.88 1.52
N SER C 169 1.69 7.22 0.57
CA SER C 169 2.24 7.07 -0.78
C SER C 169 2.39 8.43 -1.47
N PHE C 170 1.35 9.26 -1.38
CA PHE C 170 1.35 10.62 -1.88
C PHE C 170 2.60 11.39 -1.44
N ASN C 171 2.83 11.44 -0.14
CA ASN C 171 3.97 12.16 0.43
C ASN C 171 5.32 11.70 -0.07
N ALA C 172 5.49 10.38 -0.20
CA ALA C 172 6.73 9.81 -0.69
C ALA C 172 6.95 10.11 -2.16
N VAL C 173 5.88 10.05 -2.96
CA VAL C 173 5.96 10.41 -4.37
C VAL C 173 6.20 11.93 -4.53
N ALA C 174 5.58 12.72 -3.65
CA ALA C 174 5.78 14.18 -3.63
C ALA C 174 7.23 14.56 -3.36
N GLU C 175 7.90 13.79 -2.50
CA GLU C 175 9.32 14.01 -2.21
C GLU C 175 10.21 13.72 -3.41
N LEU C 176 9.80 12.78 -4.24
CA LEU C 176 10.51 12.47 -5.46
C LEU C 176 10.38 13.59 -6.49
N ILE C 177 9.18 14.14 -6.61
CA ILE C 177 8.88 15.25 -7.52
C ILE C 177 9.62 16.51 -7.07
N ASN C 178 9.59 16.79 -5.78
CA ASN C 178 10.28 17.93 -5.19
C ASN C 178 11.80 17.85 -5.30
N ALA C 179 12.33 16.64 -5.48
CA ALA C 179 13.75 16.44 -5.74
C ALA C 179 14.09 16.49 -7.22
N GLY C 180 13.07 16.70 -8.06
CA GLY C 180 13.28 16.89 -9.49
C GLY C 180 12.90 15.76 -10.44
N HIS C 181 12.28 14.70 -9.93
CA HIS C 181 11.85 13.59 -10.78
C HIS C 181 10.49 13.89 -11.40
N GLN C 182 10.44 13.80 -12.73
CA GLN C 182 9.23 14.09 -13.50
C GLN C 182 8.60 12.82 -14.06
N GLU C 183 9.46 11.87 -14.42
CA GLU C 183 9.03 10.59 -14.97
C GLU C 183 9.28 9.50 -13.95
N ILE C 184 8.22 9.08 -13.27
CA ILE C 184 8.31 8.14 -12.16
C ILE C 184 7.51 6.87 -12.41
N ALA C 185 8.19 5.73 -12.39
CA ALA C 185 7.55 4.42 -12.54
C ALA C 185 6.97 3.93 -11.22
N PHE C 186 5.95 3.08 -11.31
CA PHE C 186 5.27 2.52 -10.14
C PHE C 186 5.01 1.02 -10.31
N LEU C 187 5.43 0.24 -9.32
CA LEU C 187 5.17 -1.19 -9.28
C LEU C 187 4.12 -1.49 -8.21
N THR C 188 2.96 -1.99 -8.64
CA THR C 188 1.86 -2.24 -7.71
C THR C 188 2.07 -3.51 -6.92
N GLY C 189 1.35 -3.65 -5.81
CA GLY C 189 1.20 -4.94 -5.14
C GLY C 189 0.05 -5.65 -5.82
N SER C 190 -0.53 -6.65 -5.16
CA SER C 190 -1.65 -7.42 -5.71
C SER C 190 -2.85 -6.52 -6.03
N MSE C 191 -3.51 -6.79 -7.16
CA MSE C 191 -4.64 -5.99 -7.61
C MSE C 191 -5.77 -5.87 -6.59
O MSE C 191 -6.36 -4.81 -6.46
CB MSE C 191 -5.21 -6.54 -8.92
CG MSE C 191 -4.31 -6.39 -10.11
SE MSE C 191 -5.25 -7.02 -11.68
CE MSE C 191 -6.47 -5.54 -11.90
N ASP C 192 -6.05 -6.95 -5.87
CA ASP C 192 -7.16 -6.98 -4.89
C ASP C 192 -6.77 -6.59 -3.46
N SER C 193 -5.54 -6.13 -3.29
CA SER C 193 -5.06 -5.67 -2.00
C SER C 193 -5.47 -4.24 -1.75
N PRO C 194 -6.19 -3.99 -0.64
CA PRO C 194 -6.58 -2.64 -0.21
C PRO C 194 -5.40 -1.67 -0.11
N THR C 195 -4.30 -2.12 0.49
CA THR C 195 -3.08 -1.33 0.63
C THR C 195 -2.46 -1.00 -0.72
N SER C 196 -2.50 -1.95 -1.64
CA SER C 196 -1.95 -1.75 -2.96
C SER C 196 -2.77 -0.75 -3.77
N ILE C 197 -4.09 -0.81 -3.61
CA ILE C 197 -5.01 0.10 -4.27
C ILE C 197 -4.76 1.53 -3.79
N GLU C 198 -4.63 1.68 -2.48
CA GLU C 198 -4.37 2.98 -1.86
C GLU C 198 -3.01 3.57 -2.23
N ARG C 199 -1.99 2.73 -2.36
CA ARG C 199 -0.66 3.22 -2.73
C ARG C 199 -0.56 3.68 -4.18
N LEU C 200 -1.30 3.02 -5.08
CA LEU C 200 -1.36 3.44 -6.47
C LEU C 200 -2.16 4.74 -6.59
N ALA C 201 -3.21 4.85 -5.79
CA ALA C 201 -4.04 6.05 -5.75
C ALA C 201 -3.22 7.27 -5.32
N GLY C 202 -2.41 7.09 -4.28
CA GLY C 202 -1.52 8.13 -3.79
C GLY C 202 -0.47 8.57 -4.80
N TYR C 203 -0.01 7.64 -5.62
CA TYR C 203 0.93 7.93 -6.70
C TYR C 203 0.28 8.81 -7.78
N LYS C 204 -0.93 8.45 -8.17
CA LYS C 204 -1.68 9.17 -9.15
C LYS C 204 -2.00 10.55 -8.69
N ASP C 205 -2.43 10.64 -7.46
CA ASP C 205 -2.85 11.88 -6.84
C ASP C 205 -1.68 12.86 -6.77
N ALA C 206 -0.49 12.34 -6.54
CA ALA C 206 0.71 13.15 -6.47
C ALA C 206 1.14 13.67 -7.83
N LEU C 207 1.00 12.85 -8.87
CA LEU C 207 1.27 13.28 -10.24
C LEU C 207 0.30 14.37 -10.69
N ALA C 208 -0.97 14.20 -10.37
CA ALA C 208 -2.02 15.12 -10.79
C ALA C 208 -1.88 16.50 -10.14
N GLN C 209 -1.45 16.52 -8.88
CA GLN C 209 -1.32 17.77 -8.12
C GLN C 209 0.00 18.50 -8.37
N HIS C 210 0.94 17.85 -9.03
CA HIS C 210 2.19 18.49 -9.39
C HIS C 210 2.28 18.67 -10.90
N GLY C 211 1.12 18.67 -11.55
CA GLY C 211 0.99 18.97 -12.97
C GLY C 211 1.57 17.96 -13.94
N ILE C 212 1.81 16.73 -13.49
CA ILE C 212 2.36 15.68 -14.35
C ILE C 212 1.24 14.81 -14.92
N ALA C 213 1.28 14.62 -16.23
CA ALA C 213 0.32 13.76 -16.93
C ALA C 213 0.56 12.30 -16.55
N LEU C 214 -0.54 11.58 -16.33
CA LEU C 214 -0.50 10.16 -16.01
C LEU C 214 -0.06 9.35 -17.24
N ASN C 215 1.13 8.78 -17.18
CA ASN C 215 1.63 7.88 -18.20
C ASN C 215 1.41 6.43 -17.76
N GLU C 216 0.44 5.78 -18.41
CA GLU C 216 -0.01 4.43 -18.02
C GLU C 216 1.02 3.34 -18.31
N LYS C 217 1.94 3.63 -19.23
CA LYS C 217 3.05 2.73 -19.49
C LYS C 217 3.93 2.56 -18.26
N LEU C 218 4.04 3.62 -17.47
CA LEU C 218 4.93 3.61 -16.30
C LEU C 218 4.43 2.82 -15.07
N ILE C 219 3.23 2.26 -15.16
CA ILE C 219 2.67 1.48 -14.06
C ILE C 219 2.70 -0.01 -14.40
N ALA C 220 3.39 -0.81 -13.59
CA ALA C 220 3.42 -2.25 -13.80
C ALA C 220 2.86 -3.05 -12.62
N ASN C 221 2.25 -4.18 -12.94
CA ASN C 221 1.65 -5.07 -11.96
C ASN C 221 2.72 -5.85 -11.19
N GLY C 222 2.49 -6.05 -9.90
CA GLY C 222 3.34 -6.88 -9.06
C GLY C 222 2.53 -7.73 -8.11
N LYS C 223 3.21 -8.42 -7.21
CA LYS C 223 2.65 -9.52 -6.46
CA LYS C 223 2.60 -9.55 -6.44
C LYS C 223 3.19 -9.52 -5.03
N TRP C 224 3.83 -8.44 -4.64
CA TRP C 224 4.54 -8.26 -3.35
C TRP C 224 5.87 -9.03 -3.21
N THR C 225 6.21 -9.86 -4.18
CA THR C 225 7.37 -10.74 -4.10
C THR C 225 8.57 -10.12 -4.81
N PRO C 226 9.81 -10.49 -4.43
CA PRO C 226 11.00 -10.08 -5.19
C PRO C 226 10.99 -10.44 -6.67
N ALA C 227 10.44 -11.61 -7.02
CA ALA C 227 10.34 -12.03 -8.41
C ALA C 227 9.50 -11.04 -9.20
N SER C 228 8.33 -10.71 -8.66
CA SER C 228 7.40 -9.79 -9.31
C SER C 228 7.96 -8.37 -9.48
N GLY C 229 8.92 -8.01 -8.63
CA GLY C 229 9.60 -6.72 -8.74
C GLY C 229 10.58 -6.70 -9.90
N ALA C 230 11.30 -7.81 -10.06
CA ALA C 230 12.18 -8.00 -11.21
C ALA C 230 11.38 -8.03 -12.53
N GLU C 231 10.27 -8.78 -12.52
CA GLU C 231 9.36 -8.88 -13.67
C GLU C 231 8.77 -7.52 -14.04
N GLY C 232 8.50 -6.71 -13.01
CA GLY C 232 7.96 -5.36 -13.16
C GLY C 232 8.88 -4.45 -13.93
N VAL C 233 10.17 -4.48 -13.58
CA VAL C 233 11.21 -3.74 -14.30
C VAL C 233 11.35 -4.28 -15.72
N GLU C 234 11.31 -5.61 -15.85
CA GLU C 234 11.45 -6.29 -17.12
C GLU C 234 10.38 -5.82 -18.12
N MSE C 235 9.14 -5.74 -17.65
CA MSE C 235 8.02 -5.23 -18.42
C MSE C 235 8.20 -3.76 -18.82
O MSE C 235 7.96 -3.41 -19.98
CB MSE C 235 6.71 -5.37 -17.64
CG MSE C 235 6.02 -6.70 -17.84
SE MSE C 235 4.34 -6.77 -16.90
CE MSE C 235 4.98 -7.15 -15.11
N LEU C 236 8.63 -2.92 -17.87
CA LEU C 236 8.79 -1.48 -18.10
C LEU C 236 9.87 -1.17 -19.13
N LEU C 237 10.95 -1.93 -19.12
CA LEU C 237 12.05 -1.71 -20.04
C LEU C 237 11.74 -2.19 -21.45
N GLU C 238 10.90 -3.22 -21.55
CA GLU C 238 10.53 -3.77 -22.85
C GLU C 238 9.59 -2.86 -23.64
N ARG C 239 8.62 -2.25 -22.94
CA ARG C 239 7.72 -1.30 -23.61
C ARG C 239 8.29 0.11 -23.72
N GLY C 240 9.59 0.23 -23.48
CA GLY C 240 10.35 1.45 -23.75
C GLY C 240 10.06 2.63 -22.85
N ALA C 241 9.48 2.36 -21.70
CA ALA C 241 9.17 3.41 -20.72
C ALA C 241 10.45 4.07 -20.20
N LYS C 242 10.39 5.36 -20.03
CA LYS C 242 11.52 6.12 -19.57
C LYS C 242 11.22 6.72 -18.25
N PHE C 243 12.13 6.55 -17.30
CA PHE C 243 11.93 6.99 -15.93
C PHE C 243 13.25 7.19 -15.22
N SER C 244 13.28 8.16 -14.32
CA SER C 244 14.47 8.42 -13.50
C SER C 244 14.24 7.95 -12.06
N ALA C 245 13.02 7.53 -11.78
CA ALA C 245 12.66 7.03 -10.46
C ALA C 245 11.65 5.88 -10.56
N LEU C 246 11.72 4.97 -9.59
CA LEU C 246 10.78 3.86 -9.50
C LEU C 246 10.31 3.70 -8.05
N VAL C 247 9.01 3.61 -7.89
CA VAL C 247 8.41 3.33 -6.60
C VAL C 247 7.86 1.91 -6.60
N ALA C 248 8.47 1.04 -5.79
CA ALA C 248 7.92 -0.30 -5.58
C ALA C 248 7.06 -0.27 -4.33
N SER C 249 5.93 -0.96 -4.37
CA SER C 249 4.95 -0.94 -3.27
C SER C 249 5.40 -1.67 -1.99
N ASN C 250 6.45 -2.47 -2.08
CA ASN C 250 7.16 -2.92 -0.89
C ASN C 250 8.66 -3.08 -1.11
N ASP C 251 9.40 -3.30 -0.02
CA ASP C 251 10.86 -3.44 -0.08
C ASP C 251 11.34 -4.67 -0.85
N ASP C 252 10.64 -5.78 -0.68
CA ASP C 252 10.91 -7.02 -1.41
C ASP C 252 10.87 -6.80 -2.92
N MSE C 253 9.82 -6.12 -3.39
CA MSE C 253 9.71 -5.79 -4.82
C MSE C 253 10.80 -4.85 -5.27
O MSE C 253 11.36 -5.02 -6.37
CB MSE C 253 8.34 -5.21 -5.16
CG MSE C 253 7.24 -6.24 -5.19
SE MSE C 253 5.63 -5.55 -5.97
CE MSE C 253 4.99 -4.62 -4.48
N ALA C 254 11.14 -3.89 -4.40
CA ALA C 254 12.23 -2.94 -4.69
C ALA C 254 13.58 -3.61 -4.87
N ILE C 255 13.87 -4.61 -4.04
CA ILE C 255 15.15 -5.31 -4.11
C ILE C 255 15.20 -6.15 -5.39
N GLY C 256 14.08 -6.81 -5.71
CA GLY C 256 13.94 -7.49 -7.00
C GLY C 256 14.07 -6.55 -8.20
N ALA C 257 13.42 -5.38 -8.12
CA ALA C 257 13.56 -4.32 -9.10
C ALA C 257 15.02 -3.92 -9.30
N MSE C 258 15.71 -3.62 -8.20
CA MSE C 258 17.13 -3.22 -8.24
C MSE C 258 18.03 -4.28 -8.87
O MSE C 258 18.94 -3.94 -9.62
CB MSE C 258 17.65 -2.83 -6.86
CG MSE C 258 17.12 -1.49 -6.37
SE MSE C 258 17.93 -0.83 -4.72
CE MSE C 258 17.58 -2.35 -3.56
N LYS C 259 17.73 -5.55 -8.60
CA LYS C 259 18.45 -6.68 -9.16
C LYS C 259 18.30 -6.74 -10.69
N ALA C 260 17.08 -6.52 -11.16
CA ALA C 260 16.79 -6.55 -12.59
C ALA C 260 17.40 -5.35 -13.30
N LEU C 261 17.34 -4.18 -12.66
CA LEU C 261 17.98 -2.97 -13.16
C LEU C 261 19.50 -3.13 -13.24
N HIS C 262 20.11 -3.79 -12.25
CA HIS C 262 21.54 -4.07 -12.29
C HIS C 262 21.94 -4.97 -13.44
N GLU C 263 21.14 -6.03 -13.64
CA GLU C 263 21.42 -7.02 -14.68
C GLU C 263 21.17 -6.52 -16.10
N ARG C 264 20.49 -5.38 -16.20
CA ARG C 264 20.27 -4.74 -17.50
C ARG C 264 21.08 -3.46 -17.64
N GLY C 265 22.15 -3.35 -16.86
CA GLY C 265 23.11 -2.25 -16.97
C GLY C 265 22.57 -0.87 -16.63
N VAL C 266 21.45 -0.82 -15.90
CA VAL C 266 20.88 0.45 -15.44
C VAL C 266 21.35 0.77 -14.02
N ALA C 267 22.02 1.92 -13.88
CA ALA C 267 22.63 2.33 -12.63
C ALA C 267 21.61 2.85 -11.63
N VAL C 268 21.67 2.31 -10.41
CA VAL C 268 20.91 2.82 -9.28
C VAL C 268 21.90 3.44 -8.29
N PRO C 269 21.68 4.71 -7.88
CA PRO C 269 20.62 5.65 -8.20
C PRO C 269 20.85 6.60 -9.38
N GLU C 270 22.03 6.52 -10.01
CA GLU C 270 22.45 7.50 -11.03
C GLU C 270 21.45 7.64 -12.20
N GLN C 271 21.01 6.53 -12.75
CA GLN C 271 20.00 6.57 -13.80
C GLN C 271 18.60 6.48 -13.20
N VAL C 272 18.38 5.48 -12.35
CA VAL C 272 17.08 5.26 -11.72
C VAL C 272 17.20 5.25 -10.19
N SER C 273 16.51 6.20 -9.55
CA SER C 273 16.31 6.18 -8.11
C SER C 273 15.21 5.17 -7.74
N VAL C 274 15.38 4.49 -6.62
CA VAL C 274 14.42 3.47 -6.16
C VAL C 274 13.99 3.70 -4.71
N ILE C 275 12.68 3.71 -4.46
CA ILE C 275 12.15 3.64 -3.08
C ILE C 275 11.21 2.44 -2.86
N GLY C 276 11.15 1.96 -1.62
CA GLY C 276 10.23 0.90 -1.22
C GLY C 276 9.30 1.32 -0.10
N PHE C 277 8.54 0.36 0.42
CA PHE C 277 7.70 0.56 1.60
C PHE C 277 8.01 -0.63 2.49
N ASP C 278 7.95 -0.41 3.81
CA ASP C 278 8.13 -1.42 4.91
C ASP C 278 9.30 -1.11 5.84
N ASP C 279 10.34 -0.49 5.30
CA ASP C 279 11.61 -0.23 6.02
C ASP C 279 12.12 -1.50 6.71
N ILE C 280 12.33 -2.55 5.94
CA ILE C 280 12.78 -3.82 6.52
C ILE C 280 14.23 -3.67 7.00
N ALA C 281 14.62 -4.50 7.96
CA ALA C 281 15.95 -4.47 8.57
C ALA C 281 17.10 -4.56 7.55
N ILE C 282 16.83 -5.23 6.43
CA ILE C 282 17.79 -5.45 5.35
C ILE C 282 18.08 -4.18 4.55
N ALA C 283 17.12 -3.24 4.52
CA ALA C 283 17.20 -2.03 3.66
C ALA C 283 18.48 -1.18 3.70
N PRO C 284 19.05 -0.88 4.90
CA PRO C 284 20.31 -0.11 4.85
C PRO C 284 21.50 -0.91 4.29
N TYR C 285 21.33 -2.21 4.13
CA TYR C 285 22.44 -3.09 3.78
C TYR C 285 22.41 -3.59 2.34
N THR C 286 21.51 -3.02 1.54
CA THR C 286 21.49 -3.32 0.11
C THR C 286 22.50 -2.42 -0.59
N VAL C 287 22.79 -2.72 -1.85
CA VAL C 287 23.70 -1.88 -2.62
C VAL C 287 22.99 -1.29 -3.84
N PRO C 288 22.66 0.01 -3.81
CA PRO C 288 22.85 0.95 -2.70
C PRO C 288 21.75 0.79 -1.65
N ALA C 289 21.95 1.44 -0.51
CA ALA C 289 21.04 1.34 0.63
C ALA C 289 19.65 1.79 0.21
N LEU C 290 18.65 0.96 0.51
CA LEU C 290 17.30 1.18 0.00
C LEU C 290 16.52 2.22 0.79
N SER C 291 16.13 3.30 0.11
CA SER C 291 15.19 4.26 0.68
C SER C 291 13.83 3.60 0.80
N SER C 292 13.18 3.75 1.94
CA SER C 292 11.90 3.09 2.18
C SER C 292 11.01 3.85 3.12
N VAL C 293 9.71 3.62 2.98
CA VAL C 293 8.72 4.21 3.84
C VAL C 293 8.51 3.34 5.09
N LYS C 294 8.76 3.93 6.26
CA LYS C 294 8.49 3.27 7.51
C LYS C 294 7.04 3.48 7.92
N ILE C 295 6.33 2.38 8.15
CA ILE C 295 4.97 2.39 8.66
C ILE C 295 5.04 2.17 10.18
N PRO C 296 4.30 2.96 10.97
CA PRO C 296 4.32 2.77 12.43
C PRO C 296 3.45 1.61 12.92
N VAL C 297 3.88 0.37 12.62
CA VAL C 297 3.09 -0.83 12.91
C VAL C 297 2.91 -1.03 14.42
N THR C 298 4.00 -0.89 15.17
CA THR C 298 4.00 -1.09 16.63
C THR C 298 3.02 -0.15 17.34
N GLU C 299 3.00 1.12 16.92
CA GLU C 299 2.09 2.11 17.49
C GLU C 299 0.65 1.78 17.16
N MSE C 300 0.41 1.26 15.95
CA MSE C 300 -0.92 0.83 15.54
C MSE C 300 -1.41 -0.33 16.40
O MSE C 300 -2.59 -0.36 16.78
CB MSE C 300 -0.93 0.44 14.06
CG MSE C 300 -0.79 1.60 13.09
SE MSE C 300 -0.38 1.02 11.27
CE MSE C 300 -2.15 0.25 10.90
N ILE C 301 -0.51 -1.26 16.73
CA ILE C 301 -0.85 -2.39 17.58
C ILE C 301 -1.16 -1.92 19.01
N GLN C 302 -0.29 -1.07 19.55
CA GLN C 302 -0.50 -0.49 20.88
C GLN C 302 -1.82 0.28 20.97
N GLU C 303 -2.17 0.98 19.90
CA GLU C 303 -3.43 1.69 19.79
C GLU C 303 -4.62 0.72 19.82
N ILE C 304 -4.55 -0.37 19.06
CA ILE C 304 -5.66 -1.33 18.99
C ILE C 304 -5.88 -2.09 20.31
N ILE C 305 -4.78 -2.41 21.00
CA ILE C 305 -4.81 -3.06 22.31
C ILE C 305 -5.42 -2.10 23.36
N GLY C 306 -4.90 -0.87 23.41
CA GLY C 306 -5.42 0.16 24.32
C GLY C 306 -6.89 0.48 24.15
N ARG C 307 -7.32 0.56 22.89
CA ARG C 307 -8.72 0.77 22.51
C ARG C 307 -9.58 -0.40 23.03
N LEU C 308 -9.04 -1.62 22.93
CA LEU C 308 -9.74 -2.84 23.38
C LEU C 308 -9.86 -2.92 24.90
N ILE C 309 -8.75 -2.60 25.58
CA ILE C 309 -8.72 -2.54 27.05
C ILE C 309 -9.82 -1.60 27.56
N PHE C 310 -9.93 -0.42 26.96
CA PHE C 310 -11.01 0.51 27.30
C PHE C 310 -12.41 -0.05 27.05
N MSE C 311 -12.61 -0.69 25.90
CA MSE C 311 -13.94 -1.23 25.57
C MSE C 311 -14.38 -2.37 26.52
O MSE C 311 -15.58 -2.53 26.75
CB MSE C 311 -13.99 -1.71 24.12
CG MSE C 311 -13.99 -0.60 23.07
SE MSE C 311 -14.27 -1.30 21.27
CE MSE C 311 -13.75 0.31 20.31
N LEU C 312 -13.43 -3.13 27.04
CA LEU C 312 -13.72 -4.25 27.93
C LEU C 312 -13.71 -3.88 29.41
N ASP C 313 -12.68 -3.15 29.83
CA ASP C 313 -12.41 -2.91 31.25
C ASP C 313 -12.67 -1.46 31.68
N GLY C 314 -12.79 -0.55 30.73
CA GLY C 314 -12.92 0.88 31.04
C GLY C 314 -11.57 1.48 31.42
N GLY C 315 -11.55 2.19 32.53
CA GLY C 315 -10.36 2.92 32.98
C GLY C 315 -10.35 4.32 32.37
N ASP C 316 -9.16 4.89 32.22
CA ASP C 316 -9.03 6.20 31.59
C ASP C 316 -9.05 6.09 30.05
N PHE C 317 -9.38 7.21 29.40
CA PHE C 317 -9.51 7.29 27.95
C PHE C 317 -8.28 7.95 27.30
N SER C 318 -7.92 7.46 26.12
CA SER C 318 -6.88 8.08 25.31
C SER C 318 -7.48 8.47 23.96
N PRO C 319 -7.24 9.73 23.51
CA PRO C 319 -7.75 10.20 22.22
C PRO C 319 -7.26 9.37 21.04
N PRO C 320 -8.20 8.76 20.27
CA PRO C 320 -7.86 7.91 19.13
C PRO C 320 -6.89 8.57 18.18
N LYS C 321 -5.74 7.93 17.95
CA LYS C 321 -4.74 8.45 17.02
C LYS C 321 -5.05 8.05 15.57
N THR C 322 -4.49 8.81 14.64
CA THR C 322 -4.48 8.43 13.24
C THR C 322 -3.01 8.19 12.85
N PHE C 323 -2.76 7.36 11.84
CA PHE C 323 -1.39 6.97 11.54
C PHE C 323 -1.01 7.18 10.08
N SER C 324 0.26 7.54 9.88
CA SER C 324 0.85 7.63 8.54
C SER C 324 2.34 7.34 8.63
N GLY C 325 2.93 7.01 7.49
CA GLY C 325 4.34 6.67 7.43
C GLY C 325 5.21 7.82 6.97
N LYS C 326 6.51 7.58 6.96
CA LYS C 326 7.50 8.51 6.49
CA LYS C 326 7.47 8.51 6.47
CA LYS C 326 7.48 8.59 6.50
C LYS C 326 8.60 7.90 5.68
N LEU C 327 8.96 8.55 4.59
CA LEU C 327 10.06 8.09 3.77
C LEU C 327 11.38 8.36 4.49
N ILE C 328 12.22 7.33 4.55
CA ILE C 328 13.58 7.47 5.05
C ILE C 328 14.49 7.47 3.83
N ARG C 329 15.11 8.60 3.57
CA ARG C 329 15.95 8.78 2.41
CA ARG C 329 15.94 8.82 2.38
C ARG C 329 17.24 8.05 2.65
N ARG C 330 17.72 7.35 1.66
CA ARG C 330 18.98 6.61 1.72
C ARG C 330 19.68 6.77 0.39
N ASP C 331 20.78 6.03 0.19
CA ASP C 331 21.60 6.15 -1.02
C ASP C 331 20.90 5.85 -2.34
N SER C 332 19.82 5.04 -2.32
CA SER C 332 19.08 4.69 -3.53
C SER C 332 18.28 5.84 -4.14
N LEU C 333 18.17 6.95 -3.42
CA LEU C 333 17.43 8.11 -3.92
C LEU C 333 18.31 9.38 -3.98
N ILE C 334 18.42 9.96 -5.16
CA ILE C 334 19.10 11.25 -5.35
C ILE C 334 18.27 12.18 -6.25
N ALA C 335 18.83 13.35 -6.56
CA ALA C 335 18.22 14.29 -7.51
C ALA C 335 18.83 14.08 -8.90
N PRO C 336 17.99 13.99 -9.96
CA PRO C 336 18.47 13.64 -11.31
C PRO C 336 19.31 14.72 -11.99
P PO4 D . 18.10 -20.71 18.39
O1 PO4 D . 16.68 -20.68 18.90
O2 PO4 D . 18.12 -20.54 16.89
O3 PO4 D . 18.88 -19.57 19.00
O4 PO4 D . 18.72 -22.03 18.77
C1 GOL E . -2.31 -30.34 9.84
O1 GOL E . -3.35 -30.96 9.11
C2 GOL E . -1.38 -29.59 8.89
O2 GOL E . -1.41 -28.22 9.23
C3 GOL E . 0.05 -30.13 9.04
O3 GOL E . 0.60 -30.46 7.79
P PO4 F . -20.92 29.05 -18.72
O1 PO4 F . -20.36 28.24 -17.57
O2 PO4 F . -21.89 30.08 -18.19
O3 PO4 F . -19.80 29.73 -19.46
O4 PO4 F . -21.64 28.16 -19.73
P PO4 G . -3.13 -5.73 2.42
O1 PO4 G . -3.37 -6.62 3.61
O2 PO4 G . -4.13 -4.61 2.48
O3 PO4 G . -1.70 -5.24 2.46
O4 PO4 G . -3.35 -6.52 1.15
#